data_2PJ0
#
_entry.id   2PJ0
#
_cell.length_a   66.579
_cell.length_b   101.804
_cell.length_c   136.092
_cell.angle_alpha   90.00
_cell.angle_beta   90.00
_cell.angle_gamma   90.00
#
_symmetry.space_group_name_H-M   'P 21 21 21'
#
loop_
_entity.id
_entity.type
_entity.pdbx_description
1 polymer 'Carboxypeptidase B'
2 non-polymer 'ZINC ION'
3 non-polymer '(5R,6S,8S)-8-(3-{[AMINO(IMINO)METHYL]AMINO}PHENYL)-6-HYDROXY-5-ISOPROPYL-3-OXO-1-PHENYL-2,7-DIOXA-4-AZA-6-PHOSPHANONAN-9-OIC ACID 6-OXIDE'
4 water water
#
_entity_poly.entity_id   1
_entity_poly.type   'polypeptide(L)'
_entity_poly.pdbx_seq_one_letter_code
;TTGHSYEKYNNWETIEAWTKQVTSENPDLISRTAIGTTFLGNNIYLLKVGKPGPNKPAIFMDCGFHAREWISHAFCQWFV
REAVLTYGYESHMTEFLNKLDFYVLPVLNIDGYIYTWTKNRMWRKTRSTNAGTTCIGTDPNRNFDAGWCTTGASTDPCDE
TYCGSAAESEKETKALADFIRNNLSSIKAYLTIHSYSQMILYPYSYDYKLPENNAELNNLAKAAVKELATLYGTKYTYGP
GATTIYPAAGGSDDWAYDQGIKYSFTFELRDKGRYGFILPESQIQATCEETMLAIKYVTNYVLGHL
;
_entity_poly.pdbx_strand_id   A,B,C
#
loop_
_chem_comp.id
_chem_comp.type
_chem_comp.name
_chem_comp.formula
922 non-polymer '(5R,6S,8S)-8-(3-{[AMINO(IMINO)METHYL]AMINO}PHENYL)-6-HYDROXY-5-ISOPROPYL-3-OXO-1-PHENYL-2,7-DIOXA-4-AZA-6-PHOSPHANONAN-9-OIC ACID 6-OXIDE' 'C21 H27 N4 O7 P'
ZN non-polymer 'ZINC ION' 'Zn 2'
#
# COMPACT_ATOMS: atom_id res chain seq x y z
N GLY A 3 11.06 -24.70 26.08
CA GLY A 3 12.01 -25.71 26.55
C GLY A 3 12.76 -26.38 25.42
N HIS A 4 13.89 -27.00 25.75
CA HIS A 4 14.76 -27.61 24.75
C HIS A 4 14.26 -28.98 24.31
N SER A 5 14.20 -29.20 22.99
CA SER A 5 13.89 -30.52 22.44
C SER A 5 14.95 -30.86 21.40
N TYR A 6 15.27 -32.14 21.27
CA TYR A 6 16.25 -32.56 20.29
C TYR A 6 15.62 -32.82 18.92
N GLU A 7 14.29 -32.88 18.86
CA GLU A 7 13.60 -33.04 17.59
C GLU A 7 12.85 -31.77 17.16
N LYS A 8 13.30 -30.63 17.65
CA LYS A 8 12.80 -29.34 17.21
C LYS A 8 13.97 -28.38 17.09
N TYR A 9 13.80 -27.33 16.31
CA TYR A 9 14.81 -26.29 16.23
C TYR A 9 14.65 -25.33 17.42
N ASN A 10 15.75 -25.08 18.11
CA ASN A 10 15.73 -24.29 19.35
C ASN A 10 16.32 -22.91 19.12
N ASN A 11 15.70 -21.89 19.70
CA ASN A 11 16.24 -20.54 19.53
C ASN A 11 17.49 -20.38 20.40
N TRP A 12 18.20 -19.26 20.24
CA TRP A 12 19.49 -19.13 20.89
C TRP A 12 19.41 -19.16 22.41
N GLU A 13 18.42 -18.46 22.96
CA GLU A 13 18.26 -18.43 24.41
C GLU A 13 18.18 -19.85 24.95
N THR A 14 17.48 -20.70 24.20
CA THR A 14 17.30 -22.08 24.60
C THR A 14 18.57 -22.90 24.42
N ILE A 15 19.28 -22.66 23.32
CA ILE A 15 20.53 -23.37 23.07
C ILE A 15 21.55 -22.99 24.12
N GLU A 16 21.61 -21.71 24.46
CA GLU A 16 22.51 -21.24 25.51
C GLU A 16 22.18 -21.94 26.84
N ALA A 17 20.92 -21.94 27.22
CA ALA A 17 20.53 -22.56 28.47
C ALA A 17 20.93 -24.04 28.45
N TRP A 18 20.81 -24.65 27.28
CA TRP A 18 21.11 -26.06 27.10
C TRP A 18 22.61 -26.34 27.30
N THR A 19 23.47 -25.45 26.81
CA THR A 19 24.92 -25.68 26.97
C THR A 19 25.27 -25.69 28.45
N LYS A 20 24.58 -24.87 29.24
CA LYS A 20 24.86 -24.81 30.67
C LYS A 20 24.32 -26.07 31.34
N GLN A 21 23.12 -26.46 30.96
CA GLN A 21 22.44 -27.61 31.56
C GLN A 21 23.13 -28.94 31.25
N VAL A 22 23.49 -29.16 29.99
CA VAL A 22 24.08 -30.45 29.61
C VAL A 22 25.47 -30.58 30.21
N THR A 23 26.14 -29.45 30.41
CA THR A 23 27.43 -29.45 31.07
C THR A 23 27.29 -29.79 32.55
N SER A 24 26.30 -29.18 33.20
CA SER A 24 26.05 -29.44 34.62
C SER A 24 25.70 -30.90 34.86
N GLU A 25 25.00 -31.50 33.91
CA GLU A 25 24.50 -32.87 34.07
C GLU A 25 25.57 -33.91 33.76
N ASN A 26 26.68 -33.48 33.16
CA ASN A 26 27.71 -34.41 32.71
C ASN A 26 29.11 -33.88 32.97
N PRO A 27 29.45 -33.65 34.26
CA PRO A 27 30.68 -32.96 34.65
C PRO A 27 31.98 -33.65 34.22
N ASP A 28 31.97 -34.98 34.13
CA ASP A 28 33.18 -35.66 33.72
C ASP A 28 33.18 -36.08 32.25
N LEU A 29 32.20 -35.59 31.49
CA LEU A 29 32.20 -35.80 30.05
C LEU A 29 32.20 -34.47 29.27
N ILE A 30 31.73 -33.40 29.89
CA ILE A 30 31.56 -32.14 29.18
C ILE A 30 32.05 -30.93 29.98
N SER A 31 32.86 -30.09 29.34
CA SER A 31 33.21 -28.80 29.89
C SER A 31 32.83 -27.69 28.92
N ARG A 32 32.32 -26.58 29.44
CA ARG A 32 31.95 -25.44 28.60
C ARG A 32 32.90 -24.26 28.81
N THR A 33 33.29 -23.65 27.71
CA THR A 33 33.93 -22.33 27.74
C THR A 33 33.29 -21.46 26.69
N ALA A 34 33.68 -20.19 26.66
CA ALA A 34 33.36 -19.31 25.54
C ALA A 34 34.69 -18.94 24.88
N ILE A 35 34.72 -18.94 23.56
CA ILE A 35 35.96 -18.64 22.84
C ILE A 35 35.95 -17.22 22.29
N GLY A 36 34.84 -16.51 22.49
CA GLY A 36 34.76 -15.12 22.08
C GLY A 36 33.35 -14.61 22.22
N THR A 37 33.14 -13.35 21.85
CA THR A 37 31.79 -12.79 21.73
C THR A 37 31.49 -12.45 20.27
N THR A 38 30.20 -12.41 19.94
CA THR A 38 29.76 -12.02 18.61
C THR A 38 29.75 -10.50 18.48
N PHE A 39 29.46 -10.02 17.28
CA PHE A 39 29.36 -8.58 17.05
C PHE A 39 28.33 -7.96 17.98
N LEU A 40 27.23 -8.68 18.24
CA LEU A 40 26.15 -8.16 19.05
C LEU A 40 26.21 -8.62 20.51
N GLY A 41 27.33 -9.22 20.89
CA GLY A 41 27.60 -9.44 22.30
C GLY A 41 27.17 -10.78 22.86
N ASN A 42 26.83 -11.72 21.97
CA ASN A 42 26.50 -13.05 22.45
C ASN A 42 27.76 -13.88 22.66
N ASN A 43 27.66 -14.88 23.54
CA ASN A 43 28.82 -15.69 23.90
C ASN A 43 28.96 -16.89 22.97
N ILE A 44 30.12 -17.04 22.36
CA ILE A 44 30.36 -18.17 21.48
C ILE A 44 30.85 -19.35 22.28
N TYR A 45 29.91 -20.20 22.68
CA TYR A 45 30.22 -21.33 23.55
C TYR A 45 30.90 -22.45 22.77
N LEU A 46 31.85 -23.10 23.43
CA LEU A 46 32.46 -24.32 22.92
C LEU A 46 32.32 -25.40 23.98
N LEU A 47 31.88 -26.58 23.58
CA LEU A 47 31.78 -27.70 24.50
C LEU A 47 32.92 -28.67 24.26
N LYS A 48 33.62 -29.04 25.32
CA LYS A 48 34.67 -30.03 25.20
C LYS A 48 34.11 -31.35 25.70
N VAL A 49 33.90 -32.29 24.78
CA VAL A 49 33.23 -33.54 25.08
C VAL A 49 34.24 -34.68 25.05
N GLY A 50 34.34 -35.42 26.16
CA GLY A 50 35.34 -36.46 26.27
C GLY A 50 35.71 -36.72 27.71
N LYS A 51 36.38 -37.84 27.97
CA LYS A 51 36.88 -38.15 29.29
C LYS A 51 38.23 -37.46 29.48
N PRO A 52 38.32 -36.54 30.44
CA PRO A 52 39.56 -35.76 30.57
C PRO A 52 40.78 -36.65 30.77
N GLY A 53 41.91 -36.21 30.22
CA GLY A 53 43.14 -36.97 30.35
C GLY A 53 44.28 -36.10 29.88
N PRO A 54 45.52 -36.56 30.03
CA PRO A 54 46.69 -35.80 29.59
C PRO A 54 46.94 -35.98 28.09
N ASN A 55 47.21 -34.88 27.40
CA ASN A 55 47.76 -34.94 26.04
C ASN A 55 46.84 -35.64 25.04
N LYS A 56 45.53 -35.52 25.23
CA LYS A 56 44.57 -36.16 24.33
C LYS A 56 44.49 -35.44 23.00
N PRO A 57 44.39 -36.21 21.91
CA PRO A 57 44.11 -35.63 20.59
C PRO A 57 42.64 -35.19 20.56
N ALA A 58 42.28 -34.38 19.56
CA ALA A 58 40.91 -33.87 19.49
C ALA A 58 40.38 -33.82 18.07
N ILE A 59 39.06 -33.84 17.96
CA ILE A 59 38.39 -33.51 16.71
C ILE A 59 37.55 -32.26 16.96
N PHE A 60 37.63 -31.28 16.06
CA PHE A 60 36.88 -30.04 16.20
C PHE A 60 35.70 -30.06 15.23
N MET A 61 34.51 -29.83 15.75
CA MET A 61 33.33 -29.74 14.89
C MET A 61 32.52 -28.48 15.23
N ASP A 62 32.17 -27.70 14.21
CA ASP A 62 31.28 -26.58 14.43
C ASP A 62 29.99 -26.70 13.62
N CYS A 63 28.95 -26.06 14.14
CA CYS A 63 27.69 -25.94 13.44
C CYS A 63 27.30 -24.48 13.38
N GLY A 64 26.33 -24.17 12.52
CA GLY A 64 25.73 -22.86 12.53
C GLY A 64 26.60 -21.74 11.99
N PHE A 65 27.53 -22.05 11.09
CA PHE A 65 28.25 -21.01 10.36
C PHE A 65 27.23 -20.10 9.70
N HIS A 66 26.24 -20.71 9.05
CA HIS A 66 25.25 -19.96 8.30
C HIS A 66 23.89 -20.00 8.96
N ALA A 67 23.30 -18.82 9.15
CA ALA A 67 22.17 -18.67 10.06
C ALA A 67 20.95 -19.50 9.64
N ARG A 68 20.68 -19.55 8.35
CA ARG A 68 19.46 -20.19 7.86
C ARG A 68 19.53 -21.72 7.82
N GLU A 69 20.72 -22.27 8.09
CA GLU A 69 20.92 -23.72 7.95
C GLU A 69 20.63 -24.46 9.25
N TRP A 70 19.37 -24.41 9.66
CA TRP A 70 18.94 -24.81 10.99
C TRP A 70 19.24 -26.25 11.35
N ILE A 71 19.25 -27.14 10.37
CA ILE A 71 19.54 -28.54 10.65
C ILE A 71 20.97 -28.72 11.14
N SER A 72 21.85 -27.80 10.78
CA SER A 72 23.23 -27.81 11.26
C SER A 72 23.29 -27.63 12.78
N HIS A 73 22.66 -26.58 13.28
CA HIS A 73 22.63 -26.32 14.72
C HIS A 73 22.04 -27.52 15.43
N ALA A 74 20.96 -28.05 14.87
CA ALA A 74 20.31 -29.20 15.46
C ALA A 74 21.28 -30.37 15.59
N PHE A 75 22.16 -30.55 14.60
CA PHE A 75 23.03 -31.72 14.65
C PHE A 75 24.04 -31.66 15.78
N CYS A 76 24.62 -30.49 16.04
CA CYS A 76 25.61 -30.42 17.10
C CYS A 76 24.98 -30.77 18.44
N GLN A 77 23.71 -30.41 18.62
CA GLN A 77 23.03 -30.71 19.88
C GLN A 77 22.75 -32.20 19.98
N TRP A 78 22.28 -32.77 18.87
CA TRP A 78 22.03 -34.21 18.80
C TRP A 78 23.30 -34.99 19.13
N PHE A 79 24.42 -34.55 18.58
CA PHE A 79 25.69 -35.24 18.75
C PHE A 79 26.05 -35.33 20.24
N VAL A 80 25.90 -34.20 20.94
CA VAL A 80 26.29 -34.15 22.34
C VAL A 80 25.46 -35.11 23.20
N ARG A 81 24.16 -35.18 22.95
CA ARG A 81 23.33 -36.12 23.71
C ARG A 81 23.76 -37.54 23.42
N GLU A 82 23.99 -37.86 22.16
CA GLU A 82 24.34 -39.23 21.79
C GLU A 82 25.61 -39.65 22.52
N ALA A 83 26.57 -38.72 22.61
CA ALA A 83 27.84 -39.01 23.27
C ALA A 83 27.64 -39.35 24.74
N VAL A 84 26.83 -38.56 25.43
CA VAL A 84 26.64 -38.76 26.86
C VAL A 84 25.67 -39.89 27.19
N LEU A 85 24.75 -40.17 26.28
CA LEU A 85 23.81 -41.28 26.49
C LEU A 85 24.47 -42.63 26.29
N THR A 86 25.41 -42.71 25.36
CA THR A 86 25.94 -44.00 24.94
C THR A 86 27.32 -44.31 25.51
N TYR A 87 27.97 -43.31 26.10
CA TYR A 87 29.27 -43.56 26.74
C TYR A 87 29.13 -44.60 27.83
N GLY A 88 29.96 -45.63 27.77
CA GLY A 88 29.88 -46.70 28.75
C GLY A 88 28.96 -47.83 28.33
N TYR A 89 28.23 -47.64 27.23
CA TYR A 89 27.34 -48.67 26.73
C TYR A 89 27.67 -49.13 25.31
N GLU A 90 27.97 -48.17 24.43
CA GLU A 90 28.32 -48.51 23.06
C GLU A 90 29.83 -48.43 22.89
N SER A 91 30.44 -49.52 22.39
CA SER A 91 31.88 -49.68 22.45
C SER A 91 32.66 -48.58 21.72
N HIS A 92 32.19 -48.19 20.54
CA HIS A 92 32.91 -47.20 19.76
C HIS A 92 32.92 -45.82 20.42
N MET A 93 31.74 -45.32 20.78
CA MET A 93 31.66 -44.00 21.38
C MET A 93 32.44 -43.99 22.69
N THR A 94 32.40 -45.10 23.42
CA THR A 94 33.14 -45.22 24.66
C THR A 94 34.63 -45.06 24.37
N GLU A 95 35.12 -45.79 23.37
CA GLU A 95 36.50 -45.67 22.94
C GLU A 95 36.80 -44.24 22.47
N PHE A 96 35.90 -43.66 21.67
CA PHE A 96 36.15 -42.31 21.17
C PHE A 96 36.37 -41.33 22.31
N LEU A 97 35.48 -41.32 23.28
CA LEU A 97 35.55 -40.34 24.35
C LEU A 97 36.67 -40.63 25.35
N ASN A 98 37.08 -41.89 25.43
CA ASN A 98 38.23 -42.24 26.26
C ASN A 98 39.53 -41.74 25.65
N LYS A 99 39.61 -41.81 24.32
CA LYS A 99 40.87 -41.59 23.62
C LYS A 99 41.04 -40.17 23.08
N LEU A 100 39.94 -39.53 22.70
CA LEU A 100 40.03 -38.16 22.20
C LEU A 100 38.98 -37.26 22.80
N ASP A 101 39.15 -35.96 22.58
CA ASP A 101 38.15 -34.97 22.92
C ASP A 101 37.50 -34.43 21.66
N PHE A 102 36.17 -34.31 21.67
CA PHE A 102 35.45 -33.58 20.64
C PHE A 102 35.23 -32.16 21.11
N TYR A 103 35.76 -31.18 20.38
CA TYR A 103 35.34 -29.80 20.58
C TYR A 103 34.13 -29.54 19.71
N VAL A 104 32.98 -29.29 20.35
CA VAL A 104 31.74 -29.01 19.64
C VAL A 104 31.34 -27.56 19.85
N LEU A 105 31.24 -26.83 18.75
CA LEU A 105 30.85 -25.42 18.80
C LEU A 105 29.44 -25.36 18.24
N PRO A 106 28.44 -25.29 19.14
CA PRO A 106 27.04 -25.49 18.74
C PRO A 106 26.53 -24.49 17.72
N VAL A 107 26.89 -23.23 17.89
CA VAL A 107 26.47 -22.17 16.97
C VAL A 107 27.56 -21.11 16.87
N LEU A 108 28.17 -20.99 15.70
CA LEU A 108 29.18 -19.95 15.50
C LEU A 108 28.54 -18.59 15.27
N ASN A 109 27.65 -18.53 14.29
CA ASN A 109 27.03 -17.27 13.88
C ASN A 109 25.75 -17.02 14.65
N ILE A 110 25.89 -16.68 15.93
CA ILE A 110 24.75 -16.55 16.81
C ILE A 110 23.86 -15.38 16.42
N ASP A 111 24.46 -14.25 16.05
CA ASP A 111 23.72 -13.06 15.69
C ASP A 111 22.83 -13.31 14.47
N GLY A 112 23.38 -14.00 13.47
CA GLY A 112 22.57 -14.31 12.29
C GLY A 112 21.47 -15.30 12.64
N TYR A 113 21.78 -16.29 13.47
CA TYR A 113 20.79 -17.29 13.85
C TYR A 113 19.60 -16.63 14.53
N ILE A 114 19.87 -15.73 15.46
CA ILE A 114 18.80 -15.00 16.13
C ILE A 114 17.96 -14.22 15.11
N TYR A 115 18.63 -13.64 14.12
CA TYR A 115 17.93 -12.88 13.09
C TYR A 115 16.98 -13.75 12.26
N THR A 116 17.34 -15.01 12.05
CA THR A 116 16.48 -15.92 11.30
C THR A 116 15.25 -16.32 12.12
N TRP A 117 15.34 -16.14 13.44
CA TRP A 117 14.21 -16.42 14.33
C TRP A 117 13.31 -15.20 14.49
N THR A 118 13.88 -14.02 14.33
CA THR A 118 13.16 -12.79 14.65
C THR A 118 12.72 -11.98 13.43
N LYS A 119 13.53 -11.96 12.38
CA LYS A 119 13.24 -11.06 11.25
C LYS A 119 13.23 -11.75 9.87
N ASN A 120 14.23 -12.57 9.60
CA ASN A 120 14.42 -13.06 8.23
C ASN A 120 14.94 -14.50 8.23
N ARG A 121 14.04 -15.43 7.98
CA ARG A 121 14.33 -16.86 8.04
C ARG A 121 15.45 -17.27 7.07
N MET A 122 15.65 -16.46 6.03
CA MET A 122 16.62 -16.79 4.99
C MET A 122 17.96 -16.05 5.15
N TRP A 123 18.17 -15.42 6.31
CA TRP A 123 19.44 -14.73 6.54
C TRP A 123 20.60 -15.74 6.56
N ARG A 124 21.77 -15.29 6.11
CA ARG A 124 22.94 -16.17 5.94
C ARG A 124 24.14 -15.67 6.73
N LYS A 125 24.41 -14.37 6.57
CA LYS A 125 25.67 -13.79 7.00
C LYS A 125 25.65 -13.49 8.50
N THR A 126 26.73 -12.88 8.98
CA THR A 126 26.74 -12.30 10.31
C THR A 126 25.83 -11.07 10.30
N ARG A 127 25.85 -10.31 11.39
CA ARG A 127 25.03 -9.12 11.49
C ARG A 127 25.86 -7.88 11.82
N SER A 128 27.14 -7.91 11.48
CA SER A 128 28.00 -6.75 11.70
C SER A 128 27.70 -5.62 10.72
N THR A 129 27.99 -4.38 11.14
CA THR A 129 27.79 -3.23 10.28
C THR A 129 28.95 -3.08 9.29
N ASN A 130 28.72 -2.31 8.24
CA ASN A 130 29.74 -2.09 7.21
C ASN A 130 29.88 -0.61 6.91
N ALA A 131 31.12 -0.15 6.89
CA ALA A 131 31.38 1.27 6.65
C ALA A 131 30.82 1.71 5.30
N GLY A 132 30.21 2.89 5.28
CA GLY A 132 29.80 3.50 4.03
C GLY A 132 28.55 2.90 3.40
N THR A 133 27.85 2.04 4.13
CA THR A 133 26.60 1.47 3.64
C THR A 133 25.69 1.05 4.79
N THR A 134 24.42 0.89 4.48
CA THR A 134 23.46 0.35 5.43
C THR A 134 23.35 -1.16 5.33
N CYS A 135 23.97 -1.75 4.31
CA CYS A 135 23.93 -3.20 4.18
C CYS A 135 24.67 -3.89 5.32
N ILE A 136 24.11 -5.01 5.78
CA ILE A 136 24.59 -5.68 6.98
C ILE A 136 25.25 -7.03 6.69
N GLY A 137 26.37 -7.29 7.36
CA GLY A 137 26.84 -8.66 7.47
C GLY A 137 27.91 -9.11 6.49
N THR A 138 28.67 -10.10 6.92
CA THR A 138 29.72 -10.70 6.13
C THR A 138 29.45 -12.20 6.13
N ASP A 139 29.74 -12.86 5.01
CA ASP A 139 29.62 -14.31 4.96
C ASP A 139 30.79 -14.92 5.73
N PRO A 140 30.51 -15.54 6.90
CA PRO A 140 31.62 -16.07 7.70
C PRO A 140 32.46 -17.08 6.95
N ASN A 141 31.85 -17.80 6.00
CA ASN A 141 32.62 -18.79 5.27
C ASN A 141 33.25 -18.24 4.00
N ARG A 142 33.33 -16.91 3.92
CA ARG A 142 34.17 -16.25 2.94
C ARG A 142 35.22 -15.39 3.65
N ASN A 143 35.30 -15.53 4.97
CA ASN A 143 36.04 -14.57 5.78
C ASN A 143 37.36 -15.12 6.34
N PHE A 144 37.72 -16.35 5.97
CA PHE A 144 38.98 -16.91 6.43
C PHE A 144 40.14 -16.66 5.48
N ASP A 145 41.36 -16.76 6.00
CA ASP A 145 42.56 -16.40 5.25
C ASP A 145 42.98 -17.55 4.35
N ALA A 146 42.13 -17.89 3.39
CA ALA A 146 42.42 -18.97 2.46
C ALA A 146 42.10 -18.49 1.04
N GLY A 147 43.14 -18.06 0.32
CA GLY A 147 42.93 -17.39 -0.95
C GLY A 147 41.87 -16.30 -0.82
N TRP A 148 41.93 -15.57 0.29
CA TRP A 148 40.80 -14.72 0.70
C TRP A 148 40.26 -13.81 -0.40
N CYS A 149 38.96 -13.94 -0.64
CA CYS A 149 38.19 -13.09 -1.55
C CYS A 149 38.64 -13.12 -3.00
N THR A 150 39.27 -14.20 -3.43
CA THR A 150 39.75 -14.27 -4.81
C THR A 150 38.76 -14.88 -5.78
N THR A 151 37.86 -15.73 -5.27
CA THR A 151 36.88 -16.36 -6.15
C THR A 151 35.64 -16.74 -5.36
N GLY A 152 34.50 -16.78 -6.04
CA GLY A 152 33.26 -17.23 -5.42
C GLY A 152 32.87 -16.38 -4.22
N ALA A 153 33.35 -15.14 -4.19
CA ALA A 153 33.06 -14.22 -3.11
C ALA A 153 32.83 -12.82 -3.65
N SER A 154 32.14 -11.99 -2.88
CA SER A 154 31.86 -10.62 -3.31
C SER A 154 32.59 -9.61 -2.43
N THR A 155 32.95 -8.47 -3.01
CA THR A 155 33.55 -7.38 -2.25
C THR A 155 32.51 -6.34 -1.85
N ASP A 156 31.24 -6.64 -2.17
CA ASP A 156 30.13 -5.74 -1.87
C ASP A 156 29.39 -6.22 -0.62
N PRO A 157 29.34 -5.38 0.43
CA PRO A 157 28.66 -5.73 1.69
C PRO A 157 27.17 -6.06 1.51
N CYS A 158 26.60 -5.69 0.38
CA CYS A 158 25.17 -5.93 0.16
C CYS A 158 24.89 -7.32 -0.38
N ASP A 159 25.95 -8.04 -0.74
CA ASP A 159 25.81 -9.39 -1.29
C ASP A 159 25.91 -10.50 -0.24
N GLU A 160 25.33 -11.64 -0.56
CA GLU A 160 25.25 -12.76 0.37
C GLU A 160 26.60 -13.42 0.65
N THR A 161 27.53 -13.28 -0.29
CA THR A 161 28.86 -13.86 -0.13
C THR A 161 29.94 -12.81 0.11
N TYR A 162 29.56 -11.67 0.67
CA TYR A 162 30.54 -10.65 1.04
C TYR A 162 31.66 -11.27 1.85
N CYS A 163 32.89 -11.02 1.45
CA CYS A 163 34.03 -11.64 2.10
C CYS A 163 34.52 -10.84 3.30
N GLY A 164 33.88 -9.68 3.54
CA GLY A 164 34.23 -8.86 4.67
C GLY A 164 35.32 -7.84 4.33
N SER A 165 35.63 -6.97 5.26
CA SER A 165 36.60 -5.90 5.01
C SER A 165 38.03 -6.43 4.98
N ALA A 166 38.24 -7.57 5.62
CA ALA A 166 39.53 -8.26 5.58
C ALA A 166 39.33 -9.66 6.17
N ALA A 167 40.27 -10.56 5.91
CA ALA A 167 40.19 -11.90 6.50
C ALA A 167 40.06 -11.77 8.02
N GLU A 168 39.18 -12.57 8.60
CA GLU A 168 38.94 -12.57 10.04
C GLU A 168 38.50 -11.21 10.58
N SER A 169 37.83 -10.43 9.73
CA SER A 169 37.28 -9.15 10.15
C SER A 169 36.15 -9.37 11.17
N GLU A 170 35.48 -10.51 11.09
CA GLU A 170 34.37 -10.80 11.97
C GLU A 170 34.87 -11.35 13.31
N LYS A 171 34.29 -10.88 14.41
CA LYS A 171 34.69 -11.36 15.72
C LYS A 171 34.53 -12.87 15.79
N GLU A 172 33.49 -13.40 15.14
CA GLU A 172 33.21 -14.83 15.22
C GLU A 172 34.28 -15.66 14.52
N THR A 173 34.72 -15.22 13.34
CA THR A 173 35.69 -16.01 12.61
C THR A 173 37.08 -15.84 13.22
N LYS A 174 37.37 -14.64 13.71
CA LYS A 174 38.63 -14.42 14.42
C LYS A 174 38.69 -15.32 15.65
N ALA A 175 37.58 -15.42 16.39
CA ALA A 175 37.56 -16.25 17.59
C ALA A 175 37.84 -17.71 17.27
N LEU A 176 37.21 -18.20 16.20
CA LEU A 176 37.37 -19.58 15.79
C LEU A 176 38.80 -19.83 15.32
N ALA A 177 39.31 -18.93 14.48
CA ALA A 177 40.69 -19.07 14.00
C ALA A 177 41.68 -19.04 15.17
N ASP A 178 41.47 -18.11 16.09
CA ASP A 178 42.32 -18.01 17.27
C ASP A 178 42.34 -19.31 18.05
N PHE A 179 41.16 -19.87 18.29
CA PHE A 179 41.10 -21.09 19.07
C PHE A 179 41.84 -22.23 18.38
N ILE A 180 41.60 -22.39 17.08
CA ILE A 180 42.21 -23.48 16.35
C ILE A 180 43.71 -23.27 16.26
N ARG A 181 44.14 -22.05 15.98
CA ARG A 181 45.58 -21.76 15.97
C ARG A 181 46.21 -22.08 17.32
N ASN A 182 45.46 -21.90 18.40
CA ASN A 182 45.97 -22.11 19.75
C ASN A 182 46.03 -23.57 20.15
N ASN A 183 45.44 -24.44 19.33
CA ASN A 183 45.33 -25.85 19.69
C ASN A 183 45.72 -26.79 18.55
N LEU A 184 46.61 -26.33 17.68
CA LEU A 184 47.01 -27.12 16.51
C LEU A 184 47.69 -28.43 16.87
N SER A 185 48.34 -28.48 18.03
CA SER A 185 49.05 -29.68 18.41
C SER A 185 48.11 -30.85 18.72
N SER A 186 46.85 -30.55 19.05
CA SER A 186 45.91 -31.59 19.41
C SER A 186 44.82 -31.86 18.36
N ILE A 187 44.41 -30.82 17.65
CA ILE A 187 43.30 -30.97 16.71
C ILE A 187 43.70 -31.73 15.45
N LYS A 188 43.12 -32.91 15.27
CA LYS A 188 43.52 -33.83 14.21
C LYS A 188 42.57 -33.82 13.03
N ALA A 189 41.34 -33.38 13.25
CA ALA A 189 40.37 -33.24 12.17
C ALA A 189 39.48 -32.02 12.41
N TYR A 190 39.01 -31.43 11.33
CA TYR A 190 38.10 -30.29 11.38
C TYR A 190 36.85 -30.64 10.59
N LEU A 191 35.69 -30.56 11.24
CA LEU A 191 34.42 -30.90 10.60
C LEU A 191 33.48 -29.71 10.75
N THR A 192 33.01 -29.16 9.64
CA THR A 192 32.14 -28.00 9.70
C THR A 192 30.81 -28.34 9.03
N ILE A 193 29.73 -28.15 9.80
CA ILE A 193 28.43 -28.70 9.44
C ILE A 193 27.54 -27.64 8.81
N HIS A 194 27.02 -27.94 7.62
CA HIS A 194 26.22 -27.02 6.83
C HIS A 194 25.00 -27.76 6.26
N SER A 195 24.10 -27.02 5.64
CA SER A 195 23.10 -27.62 4.75
C SER A 195 22.80 -26.61 3.64
N TYR A 196 22.20 -27.06 2.53
CA TYR A 196 21.85 -28.46 2.28
C TYR A 196 22.63 -28.92 1.04
N SER A 197 22.46 -30.19 0.67
CA SER A 197 22.93 -30.73 -0.61
C SER A 197 23.29 -32.20 -0.53
N GLN A 198 23.42 -32.72 0.68
CA GLN A 198 23.84 -34.10 0.90
C GLN A 198 25.17 -34.36 0.20
N MET A 199 26.22 -33.72 0.72
CA MET A 199 27.57 -33.89 0.21
C MET A 199 28.57 -33.92 1.35
N ILE A 200 29.70 -34.57 1.11
CA ILE A 200 30.89 -34.33 1.91
C ILE A 200 31.97 -33.74 1.01
N LEU A 201 32.41 -32.53 1.34
CA LEU A 201 33.46 -31.87 0.57
C LEU A 201 34.75 -31.83 1.38
N TYR A 202 35.87 -31.91 0.68
CA TYR A 202 37.16 -31.64 1.28
C TYR A 202 37.90 -30.64 0.39
N PRO A 203 39.07 -30.14 0.83
CA PRO A 203 39.77 -29.09 0.08
C PRO A 203 40.15 -29.56 -1.32
N TYR A 204 40.32 -28.62 -2.25
CA TYR A 204 40.20 -27.19 -1.97
C TYR A 204 38.99 -26.61 -2.68
N SER A 205 38.48 -25.51 -2.16
CA SER A 205 37.46 -24.74 -2.85
C SER A 205 38.00 -23.44 -3.41
N TYR A 206 39.05 -22.89 -2.79
CA TYR A 206 39.55 -21.60 -3.21
C TYR A 206 40.43 -21.70 -4.46
N ASP A 207 40.91 -22.91 -4.74
CA ASP A 207 41.64 -23.18 -5.98
C ASP A 207 41.30 -24.58 -6.49
N TYR A 208 41.61 -24.85 -7.75
CA TYR A 208 41.34 -26.16 -8.32
C TYR A 208 42.43 -27.18 -8.04
N LYS A 209 43.52 -26.71 -7.43
CA LYS A 209 44.58 -27.61 -7.02
C LYS A 209 44.04 -28.61 -6.01
N LEU A 210 44.62 -29.80 -5.99
CA LEU A 210 44.18 -30.83 -5.05
C LEU A 210 45.09 -30.91 -3.84
N PRO A 211 44.52 -31.27 -2.68
CA PRO A 211 45.32 -31.45 -1.46
C PRO A 211 46.26 -32.64 -1.63
N GLU A 212 47.40 -32.56 -0.95
CA GLU A 212 48.42 -33.60 -1.02
C GLU A 212 47.84 -34.99 -0.77
N ASN A 213 46.93 -35.07 0.21
CA ASN A 213 46.34 -36.35 0.58
C ASN A 213 44.95 -36.55 0.02
N ASN A 214 44.72 -36.08 -1.21
CA ASN A 214 43.38 -36.11 -1.78
C ASN A 214 42.86 -37.52 -2.07
N ALA A 215 43.77 -38.45 -2.39
CA ALA A 215 43.35 -39.83 -2.61
C ALA A 215 42.79 -40.42 -1.32
N GLU A 216 43.44 -40.12 -0.21
CA GLU A 216 43.00 -40.62 1.10
C GLU A 216 41.68 -39.99 1.49
N LEU A 217 41.58 -38.68 1.31
CA LEU A 217 40.35 -37.97 1.67
C LEU A 217 39.18 -38.48 0.83
N ASN A 218 39.43 -38.75 -0.44
CA ASN A 218 38.38 -39.26 -1.31
C ASN A 218 37.90 -40.63 -0.81
N ASN A 219 38.82 -41.51 -0.48
CA ASN A 219 38.46 -42.83 0.04
C ASN A 219 37.72 -42.73 1.37
N LEU A 220 38.16 -41.79 2.21
CA LEU A 220 37.51 -41.59 3.50
C LEU A 220 36.08 -41.07 3.33
N ALA A 221 35.92 -40.07 2.46
CA ALA A 221 34.59 -39.52 2.18
C ALA A 221 33.70 -40.60 1.58
N LYS A 222 34.25 -41.38 0.67
CA LYS A 222 33.48 -42.45 0.03
C LYS A 222 32.96 -43.41 1.08
N ALA A 223 33.82 -43.81 2.01
CA ALA A 223 33.43 -44.77 3.03
C ALA A 223 32.39 -44.16 3.97
N ALA A 224 32.55 -42.86 4.25
CA ALA A 224 31.66 -42.19 5.18
C ALA A 224 30.25 -42.06 4.62
N VAL A 225 30.14 -41.80 3.32
CA VAL A 225 28.84 -41.63 2.70
C VAL A 225 28.12 -42.97 2.57
N LYS A 226 28.86 -44.04 2.26
CA LYS A 226 28.22 -45.34 2.16
C LYS A 226 27.75 -45.79 3.54
N GLU A 227 28.46 -45.38 4.58
CA GLU A 227 28.03 -45.65 5.95
C GLU A 227 26.73 -44.92 6.26
N LEU A 228 26.70 -43.63 5.91
CA LEU A 228 25.51 -42.82 6.12
C LEU A 228 24.29 -43.45 5.44
N ALA A 229 24.50 -44.01 4.25
CA ALA A 229 23.40 -44.52 3.45
C ALA A 229 22.74 -45.77 4.03
N THR A 230 23.44 -46.46 4.92
CA THR A 230 22.93 -47.73 5.47
C THR A 230 21.60 -47.58 6.22
N LEU A 231 21.37 -46.42 6.80
CA LEU A 231 20.24 -46.23 7.69
C LEU A 231 18.93 -46.01 6.93
N TYR A 232 18.93 -45.06 6.00
CA TYR A 232 17.70 -44.67 5.31
C TYR A 232 17.87 -44.54 3.80
N GLY A 233 19.03 -44.96 3.29
CA GLY A 233 19.26 -44.92 1.85
C GLY A 233 19.61 -43.55 1.30
N THR A 234 19.86 -42.59 2.20
CA THR A 234 20.18 -41.24 1.78
C THR A 234 21.49 -41.19 1.01
N LYS A 235 21.46 -40.58 -0.17
CA LYS A 235 22.61 -40.56 -1.07
C LYS A 235 23.40 -39.27 -0.98
N TYR A 236 24.66 -39.37 -0.62
CA TYR A 236 25.56 -38.23 -0.59
C TYR A 236 26.57 -38.34 -1.72
N THR A 237 26.90 -37.22 -2.34
CA THR A 237 28.04 -37.15 -3.22
C THR A 237 29.22 -36.59 -2.45
N TYR A 238 30.41 -36.65 -3.03
CA TYR A 238 31.60 -36.19 -2.32
C TYR A 238 32.73 -35.87 -3.26
N GLY A 239 33.67 -35.04 -2.79
CA GLY A 239 34.82 -34.66 -3.58
C GLY A 239 35.42 -33.34 -3.14
N PRO A 240 36.49 -32.87 -3.80
CA PRO A 240 37.07 -31.57 -3.46
C PRO A 240 36.08 -30.46 -3.79
N GLY A 241 36.02 -29.43 -2.96
CA GLY A 241 34.97 -28.44 -3.08
C GLY A 241 34.82 -27.78 -4.44
N ALA A 242 35.93 -27.34 -5.02
CA ALA A 242 35.89 -26.51 -6.23
C ALA A 242 35.13 -27.18 -7.38
N THR A 243 35.44 -28.45 -7.64
CA THR A 243 34.85 -29.16 -8.76
C THR A 243 33.59 -29.91 -8.37
N THR A 244 33.40 -30.15 -7.08
CA THR A 244 32.26 -30.94 -6.63
C THR A 244 31.00 -30.10 -6.45
N ILE A 245 31.15 -28.85 -6.03
CA ILE A 245 29.99 -27.97 -5.86
C ILE A 245 30.21 -26.63 -6.55
N TYR A 246 31.21 -25.87 -6.10
CA TYR A 246 31.62 -24.66 -6.80
C TYR A 246 32.90 -24.12 -6.16
N PRO A 247 33.69 -23.34 -6.93
CA PRO A 247 34.86 -22.66 -6.37
C PRO A 247 34.43 -21.51 -5.46
N ALA A 248 35.13 -21.35 -4.34
CA ALA A 248 34.80 -20.30 -3.38
C ALA A 248 35.94 -20.15 -2.37
N ALA A 249 36.45 -18.93 -2.23
CA ALA A 249 37.61 -18.66 -1.38
C ALA A 249 37.18 -18.32 0.05
N GLY A 250 38.15 -18.37 0.96
CA GLY A 250 37.92 -17.87 2.31
C GLY A 250 37.12 -18.80 3.22
N GLY A 251 37.02 -20.07 2.85
CA GLY A 251 36.29 -21.03 3.66
C GLY A 251 37.13 -21.63 4.77
N SER A 252 36.47 -21.99 5.87
CA SER A 252 37.18 -22.50 7.05
C SER A 252 37.77 -23.89 6.85
N ASP A 253 37.15 -24.71 6.01
CA ASP A 253 37.69 -26.03 5.76
C ASP A 253 39.05 -25.96 5.05
N ASP A 254 39.15 -25.06 4.07
CA ASP A 254 40.42 -24.89 3.37
C ASP A 254 41.47 -24.29 4.30
N TRP A 255 41.06 -23.30 5.09
CA TRP A 255 41.99 -22.65 6.01
C TRP A 255 42.53 -23.61 7.06
N ALA A 256 41.64 -24.41 7.64
CA ALA A 256 42.04 -25.38 8.65
C ALA A 256 42.99 -26.41 8.07
N TYR A 257 42.72 -26.85 6.84
CA TYR A 257 43.61 -27.80 6.18
C TYR A 257 45.01 -27.20 6.02
N ASP A 258 45.08 -25.95 5.57
CA ASP A 258 46.37 -25.32 5.33
C ASP A 258 47.09 -24.95 6.64
N GLN A 259 46.37 -25.07 7.76
CA GLN A 259 47.01 -24.95 9.06
C GLN A 259 47.70 -26.27 9.43
N GLY A 260 47.34 -27.33 8.71
CA GLY A 260 47.98 -28.62 8.94
C GLY A 260 47.02 -29.68 9.45
N ILE A 261 45.75 -29.34 9.56
CA ILE A 261 44.75 -30.34 9.94
C ILE A 261 44.35 -31.11 8.69
N LYS A 262 44.83 -32.35 8.60
CA LYS A 262 44.85 -33.08 7.34
C LYS A 262 43.50 -33.68 6.97
N TYR A 263 42.63 -33.79 7.98
CA TYR A 263 41.28 -34.28 7.76
C TYR A 263 40.32 -33.12 8.00
N SER A 264 39.89 -32.50 6.90
CA SER A 264 39.07 -31.31 6.98
C SER A 264 37.91 -31.48 6.01
N PHE A 265 36.69 -31.44 6.54
CA PHE A 265 35.50 -31.75 5.75
C PHE A 265 34.40 -30.73 5.98
N THR A 266 33.75 -30.31 4.90
CA THR A 266 32.46 -29.63 5.02
C THR A 266 31.34 -30.63 4.76
N PHE A 267 30.44 -30.75 5.71
CA PHE A 267 29.25 -31.60 5.55
C PHE A 267 28.09 -30.75 5.12
N GLU A 268 27.41 -31.18 4.06
CA GLU A 268 26.14 -30.58 3.64
C GLU A 268 25.05 -31.63 3.87
N LEU A 269 24.17 -31.36 4.83
CA LEU A 269 23.14 -32.32 5.23
C LEU A 269 21.91 -32.24 4.32
N ARG A 270 20.84 -32.94 4.69
CA ARG A 270 19.60 -32.95 3.90
C ARG A 270 19.08 -31.53 3.72
N ASP A 271 18.28 -31.30 2.67
CA ASP A 271 18.00 -32.34 1.67
C ASP A 271 18.67 -31.95 0.37
N LYS A 272 18.01 -32.17 -0.76
CA LYS A 272 18.60 -31.80 -2.05
C LYS A 272 17.81 -30.69 -2.75
N GLY A 273 16.93 -30.04 -2.00
CA GLY A 273 16.26 -28.85 -2.54
C GLY A 273 14.76 -28.81 -2.37
N ARG A 274 14.12 -29.94 -2.09
CA ARG A 274 12.67 -29.93 -1.93
C ARG A 274 12.27 -28.95 -0.85
N TYR A 275 12.95 -29.02 0.28
CA TYR A 275 12.70 -28.08 1.37
C TYR A 275 13.88 -27.13 1.54
N GLY A 276 15.06 -27.55 1.08
CA GLY A 276 16.21 -26.69 1.16
C GLY A 276 16.57 -26.38 2.59
N PHE A 277 16.67 -25.08 2.91
CA PHE A 277 17.05 -24.64 4.25
C PHE A 277 15.94 -24.84 5.26
N ILE A 278 14.71 -24.90 4.77
CA ILE A 278 13.57 -25.02 5.66
C ILE A 278 13.21 -26.50 5.83
N LEU A 279 14.17 -27.28 6.28
CA LEU A 279 13.97 -28.72 6.46
C LEU A 279 12.98 -28.93 7.60
N PRO A 280 11.95 -29.76 7.38
CA PRO A 280 10.92 -29.98 8.41
C PRO A 280 11.52 -30.54 9.69
N GLU A 281 10.99 -30.14 10.84
CA GLU A 281 11.43 -30.68 12.12
C GLU A 281 11.23 -32.20 12.15
N SER A 282 10.27 -32.68 11.38
CA SER A 282 9.99 -34.11 11.34
C SER A 282 11.17 -34.90 10.77
N GLN A 283 12.10 -34.21 10.13
CA GLN A 283 13.26 -34.89 9.55
C GLN A 283 14.54 -34.79 10.39
N ILE A 284 14.49 -34.04 11.49
CA ILE A 284 15.68 -33.87 12.33
C ILE A 284 16.25 -35.21 12.81
N GLN A 285 15.41 -36.05 13.40
CA GLN A 285 15.88 -37.30 13.99
C GLN A 285 16.60 -38.17 12.96
N ALA A 286 15.95 -38.39 11.82
CA ALA A 286 16.49 -39.27 10.80
C ALA A 286 17.76 -38.67 10.18
N THR A 287 17.75 -37.36 9.98
CA THR A 287 18.91 -36.66 9.44
C THR A 287 20.10 -36.77 10.41
N CYS A 288 19.85 -36.51 11.68
CA CYS A 288 20.93 -36.56 12.66
C CYS A 288 21.43 -37.99 12.86
N GLU A 289 20.51 -38.95 12.84
CA GLU A 289 20.85 -40.34 13.03
C GLU A 289 21.84 -40.80 11.97
N GLU A 290 21.53 -40.54 10.70
CA GLU A 290 22.39 -41.01 9.61
C GLU A 290 23.71 -40.24 9.59
N THR A 291 23.66 -38.97 9.93
CA THR A 291 24.87 -38.14 9.96
C THR A 291 25.84 -38.62 11.03
N MET A 292 25.31 -39.06 12.17
CA MET A 292 26.14 -39.64 13.21
C MET A 292 27.02 -40.75 12.68
N LEU A 293 26.48 -41.58 11.78
CA LEU A 293 27.21 -42.73 11.29
C LEU A 293 28.44 -42.28 10.52
N ALA A 294 28.29 -41.20 9.76
CA ALA A 294 29.40 -40.68 8.98
C ALA A 294 30.43 -40.01 9.89
N ILE A 295 29.97 -39.26 10.88
CA ILE A 295 30.87 -38.58 11.80
C ILE A 295 31.65 -39.59 12.64
N LYS A 296 30.99 -40.67 13.03
CA LYS A 296 31.65 -41.71 13.81
C LYS A 296 32.60 -42.54 12.96
N TYR A 297 32.27 -42.76 11.69
CA TYR A 297 33.21 -43.45 10.82
C TYR A 297 34.49 -42.64 10.69
N VAL A 298 34.33 -41.34 10.43
CA VAL A 298 35.47 -40.45 10.28
C VAL A 298 36.29 -40.41 11.57
N THR A 299 35.60 -40.36 12.70
CA THR A 299 36.26 -40.30 13.99
C THR A 299 37.13 -41.55 14.22
N ASN A 300 36.54 -42.72 13.96
CA ASN A 300 37.28 -43.95 14.16
C ASN A 300 38.49 -44.04 13.23
N TYR A 301 38.34 -43.54 11.99
CA TYR A 301 39.44 -43.56 11.04
C TYR A 301 40.57 -42.65 11.51
N VAL A 302 40.21 -41.46 11.98
CA VAL A 302 41.20 -40.51 12.44
C VAL A 302 41.94 -41.06 13.67
N LEU A 303 41.20 -41.73 14.54
CA LEU A 303 41.81 -42.35 15.72
C LEU A 303 42.79 -43.45 15.31
N GLY A 304 42.55 -44.07 14.16
CA GLY A 304 43.43 -45.12 13.69
C GLY A 304 44.62 -44.57 12.92
N HIS A 305 44.68 -43.25 12.78
CA HIS A 305 45.78 -42.61 12.07
C HIS A 305 46.37 -41.43 12.85
N LEU A 306 46.66 -41.66 14.13
CA LEU A 306 47.27 -40.64 14.96
C LEU A 306 48.80 -40.72 14.87
N GLY B 3 15.34 -17.28 -13.61
CA GLY B 3 16.07 -16.16 -14.18
C GLY B 3 15.20 -14.93 -14.35
N HIS B 4 15.83 -13.80 -14.64
CA HIS B 4 15.11 -12.53 -14.81
C HIS B 4 14.56 -12.38 -16.22
N SER B 5 13.34 -11.86 -16.34
CA SER B 5 12.75 -11.54 -17.63
C SER B 5 12.09 -10.18 -17.57
N TYR B 6 12.30 -9.36 -18.60
CA TYR B 6 11.66 -8.05 -18.68
C TYR B 6 10.19 -8.11 -19.09
N GLU B 7 9.73 -9.27 -19.56
CA GLU B 7 8.32 -9.43 -19.92
C GLU B 7 7.57 -10.36 -18.97
N LYS B 8 8.14 -10.55 -17.77
CA LYS B 8 7.46 -11.29 -16.73
C LYS B 8 7.65 -10.57 -15.41
N TYR B 9 6.78 -10.86 -14.43
CA TYR B 9 6.96 -10.33 -13.09
C TYR B 9 7.98 -11.17 -12.34
N ASN B 10 8.98 -10.51 -11.77
CA ASN B 10 10.10 -11.19 -11.12
C ASN B 10 10.01 -11.07 -9.60
N ASN B 11 10.30 -12.15 -8.88
CA ASN B 11 10.29 -12.08 -7.42
C ASN B 11 11.49 -11.28 -6.90
N TRP B 12 11.51 -10.98 -5.62
CA TRP B 12 12.54 -10.10 -5.09
C TRP B 12 13.94 -10.67 -5.26
N GLU B 13 14.11 -11.96 -4.97
CA GLU B 13 15.42 -12.56 -5.13
C GLU B 13 15.93 -12.32 -6.55
N THR B 14 15.04 -12.50 -7.53
CA THR B 14 15.39 -12.29 -8.93
C THR B 14 15.66 -10.81 -9.22
N ILE B 15 14.88 -9.92 -8.63
CA ILE B 15 15.11 -8.48 -8.85
C ILE B 15 16.43 -8.06 -8.22
N GLU B 16 16.68 -8.52 -7.01
CA GLU B 16 17.95 -8.23 -6.34
C GLU B 16 19.12 -8.70 -7.18
N ALA B 17 19.05 -9.93 -7.69
CA ALA B 17 20.14 -10.46 -8.51
C ALA B 17 20.26 -9.64 -9.80
N TRP B 18 19.14 -9.14 -10.27
CA TRP B 18 19.14 -8.31 -11.48
C TRP B 18 19.83 -6.97 -11.25
N THR B 19 19.65 -6.37 -10.08
CA THR B 19 20.30 -5.08 -9.82
C THR B 19 21.81 -5.23 -9.89
N LYS B 20 22.32 -6.36 -9.40
CA LYS B 20 23.75 -6.64 -9.46
C LYS B 20 24.18 -6.87 -10.91
N GLN B 21 23.43 -7.69 -11.63
CA GLN B 21 23.82 -8.07 -12.98
C GLN B 21 23.76 -6.89 -13.94
N VAL B 22 22.69 -6.10 -13.88
CA VAL B 22 22.54 -5.01 -14.83
C VAL B 22 23.62 -3.95 -14.56
N THR B 23 23.99 -3.78 -13.30
CA THR B 23 25.07 -2.86 -12.97
C THR B 23 26.41 -3.36 -13.51
N SER B 24 26.69 -4.65 -13.32
CA SER B 24 27.93 -5.25 -13.77
C SER B 24 28.08 -5.16 -15.29
N GLU B 25 26.96 -5.29 -16.00
CA GLU B 25 26.96 -5.30 -17.45
C GLU B 25 27.01 -3.91 -18.07
N ASN B 26 26.70 -2.90 -17.27
CA ASN B 26 26.72 -1.51 -17.75
C ASN B 26 27.41 -0.58 -16.75
N PRO B 27 28.67 -0.88 -16.40
CA PRO B 27 29.38 -0.10 -15.39
C PRO B 27 29.65 1.32 -15.85
N ASP B 28 29.53 1.56 -17.15
CA ASP B 28 29.70 2.90 -17.71
C ASP B 28 28.48 3.80 -17.47
N LEU B 29 27.34 3.19 -17.15
CA LEU B 29 26.09 3.93 -17.07
C LEU B 29 25.31 3.75 -15.77
N ILE B 30 25.66 2.73 -14.99
CA ILE B 30 24.91 2.41 -13.78
C ILE B 30 25.81 2.19 -12.56
N SER B 31 25.45 2.83 -11.46
CA SER B 31 26.05 2.55 -10.15
C SER B 31 24.94 2.06 -9.23
N ARG B 32 25.24 1.04 -8.41
CA ARG B 32 24.27 0.56 -7.44
C ARG B 32 24.69 0.86 -6.00
N THR B 33 23.74 1.36 -5.22
CA THR B 33 23.90 1.46 -3.77
C THR B 33 22.64 0.93 -3.08
N ALA B 34 22.71 0.78 -1.76
CA ALA B 34 21.52 0.62 -0.95
C ALA B 34 21.37 1.89 -0.13
N ILE B 35 20.13 2.36 0.01
CA ILE B 35 19.88 3.58 0.78
C ILE B 35 19.29 3.23 2.14
N GLY B 36 19.08 1.94 2.38
CA GLY B 36 18.55 1.52 3.66
C GLY B 36 18.22 0.04 3.65
N THR B 37 17.73 -0.44 4.78
CA THR B 37 17.21 -1.80 4.88
C THR B 37 15.73 -1.72 5.26
N THR B 38 14.99 -2.78 4.93
CA THR B 38 13.57 -2.82 5.22
C THR B 38 13.36 -3.32 6.65
N PHE B 39 12.11 -3.35 7.09
CA PHE B 39 11.78 -3.87 8.40
C PHE B 39 12.31 -5.29 8.59
N LEU B 40 12.27 -6.08 7.51
CA LEU B 40 12.67 -7.48 7.61
C LEU B 40 14.08 -7.72 7.12
N GLY B 41 14.83 -6.64 6.91
CA GLY B 41 16.26 -6.77 6.68
C GLY B 41 16.69 -6.89 5.23
N ASN B 42 15.78 -6.62 4.30
CA ASN B 42 16.14 -6.62 2.89
C ASN B 42 16.79 -5.29 2.50
N ASN B 43 17.62 -5.32 1.46
CA ASN B 43 18.37 -4.13 1.05
C ASN B 43 17.58 -3.29 0.04
N ILE B 44 17.42 -2.00 0.33
CA ILE B 44 16.71 -1.12 -0.58
C ILE B 44 17.67 -0.53 -1.61
N TYR B 45 17.76 -1.19 -2.75
CA TYR B 45 18.70 -0.79 -3.80
C TYR B 45 18.24 0.45 -4.55
N LEU B 46 19.21 1.27 -4.92
CA LEU B 46 18.97 2.40 -5.81
C LEU B 46 19.97 2.32 -6.95
N LEU B 47 19.48 2.48 -8.18
CA LEU B 47 20.36 2.50 -9.35
C LEU B 47 20.51 3.92 -9.89
N LYS B 48 21.75 4.39 -9.94
CA LYS B 48 22.05 5.68 -10.54
C LYS B 48 22.42 5.46 -12.00
N VAL B 49 21.54 5.91 -12.90
CA VAL B 49 21.68 5.65 -14.33
C VAL B 49 22.03 6.93 -15.07
N GLY B 50 23.16 6.93 -15.77
CA GLY B 50 23.60 8.12 -16.47
C GLY B 50 25.10 8.13 -16.73
N LYS B 51 25.53 8.98 -17.65
CA LYS B 51 26.95 9.18 -17.90
C LYS B 51 27.54 10.07 -16.84
N PRO B 52 28.46 9.53 -16.03
CA PRO B 52 29.04 10.27 -14.90
C PRO B 52 29.66 11.60 -15.31
N GLY B 53 29.40 12.63 -14.51
CA GLY B 53 29.88 13.95 -14.82
C GLY B 53 29.73 14.91 -13.64
N PRO B 54 30.26 16.13 -13.76
CA PRO B 54 30.25 17.13 -12.69
C PRO B 54 28.91 17.84 -12.53
N ASN B 55 28.47 17.99 -11.29
CA ASN B 55 27.36 18.86 -10.95
C ASN B 55 26.12 18.59 -11.80
N LYS B 56 25.79 17.31 -11.98
CA LYS B 56 24.63 16.93 -12.79
C LYS B 56 23.33 17.02 -12.00
N PRO B 57 22.29 17.58 -12.63
CA PRO B 57 20.94 17.47 -12.06
C PRO B 57 20.45 16.03 -12.15
N ALA B 58 19.36 15.74 -11.46
CA ALA B 58 18.84 14.38 -11.45
C ALA B 58 17.32 14.31 -11.43
N ILE B 59 16.79 13.20 -11.92
CA ILE B 59 15.40 12.86 -11.76
C ILE B 59 15.33 11.62 -10.88
N PHE B 60 14.45 11.65 -9.88
CA PHE B 60 14.29 10.50 -8.99
C PHE B 60 12.99 9.78 -9.31
N MET B 61 13.08 8.47 -9.56
CA MET B 61 11.90 7.69 -9.87
C MET B 61 11.88 6.42 -9.01
N ASP B 62 10.75 6.14 -8.37
CA ASP B 62 10.64 4.89 -7.63
C ASP B 62 9.47 4.05 -8.09
N CYS B 63 9.56 2.75 -7.83
CA CYS B 63 8.50 1.80 -8.09
C CYS B 63 8.27 0.92 -6.87
N GLY B 64 7.11 0.26 -6.82
CA GLY B 64 6.89 -0.74 -5.79
C GLY B 64 6.62 -0.18 -4.41
N PHE B 65 6.10 1.04 -4.34
CA PHE B 65 5.59 1.57 -3.06
C PHE B 65 4.58 0.57 -2.51
N HIS B 66 3.68 0.13 -3.37
CA HIS B 66 2.58 -0.72 -2.95
C HIS B 66 2.76 -2.12 -3.49
N ALA B 67 2.71 -3.09 -2.59
CA ALA B 67 3.17 -4.44 -2.87
C ALA B 67 2.46 -5.11 -4.04
N ARG B 68 1.15 -4.93 -4.12
CA ARG B 68 0.35 -5.62 -5.15
C ARG B 68 0.42 -5.02 -6.56
N GLU B 69 0.99 -3.82 -6.68
CA GLU B 69 1.01 -3.10 -7.95
C GLU B 69 2.20 -3.51 -8.81
N TRP B 70 2.19 -4.78 -9.23
CA TRP B 70 3.35 -5.44 -9.84
C TRP B 70 3.85 -4.81 -11.14
N ILE B 71 2.95 -4.20 -11.91
CA ILE B 71 3.35 -3.56 -13.15
C ILE B 71 4.28 -2.37 -12.87
N SER B 72 4.14 -1.77 -11.69
CA SER B 72 5.06 -0.73 -11.27
C SER B 72 6.50 -1.23 -11.20
N HIS B 73 6.72 -2.29 -10.44
CA HIS B 73 8.06 -2.89 -10.33
C HIS B 73 8.61 -3.20 -11.72
N ALA B 74 7.78 -3.83 -12.54
CA ALA B 74 8.18 -4.19 -13.89
C ALA B 74 8.64 -2.98 -14.69
N PHE B 75 8.01 -1.84 -14.46
CA PHE B 75 8.39 -0.65 -15.24
C PHE B 75 9.78 -0.13 -14.92
N CYS B 76 10.13 -0.04 -13.63
CA CYS B 76 11.45 0.48 -13.29
C CYS B 76 12.53 -0.38 -13.92
N GLN B 77 12.29 -1.70 -13.98
CA GLN B 77 13.24 -2.60 -14.62
C GLN B 77 13.30 -2.35 -16.12
N TRP B 78 12.14 -2.22 -16.75
CA TRP B 78 12.07 -1.94 -18.18
C TRP B 78 12.84 -0.65 -18.51
N PHE B 79 12.63 0.37 -17.69
CA PHE B 79 13.23 1.67 -17.92
C PHE B 79 14.75 1.60 -17.98
N VAL B 80 15.33 0.88 -17.02
CA VAL B 80 16.78 0.77 -16.93
C VAL B 80 17.35 0.14 -18.20
N ARG B 81 16.74 -0.92 -18.69
CA ARG B 81 17.26 -1.57 -19.90
C ARG B 81 17.18 -0.63 -21.10
N GLU B 82 16.05 0.06 -21.25
CA GLU B 82 15.90 0.96 -22.38
C GLU B 82 16.98 2.04 -22.34
N ALA B 83 17.22 2.59 -21.15
CA ALA B 83 18.23 3.62 -20.99
C ALA B 83 19.59 3.17 -21.48
N VAL B 84 20.06 2.03 -20.97
CA VAL B 84 21.42 1.60 -21.24
C VAL B 84 21.57 1.07 -22.67
N LEU B 85 20.51 0.49 -23.22
CA LEU B 85 20.57 -0.04 -24.57
C LEU B 85 20.51 1.03 -25.65
N THR B 86 19.78 2.10 -25.40
CA THR B 86 19.62 3.14 -26.40
C THR B 86 20.60 4.29 -26.26
N TYR B 87 21.33 4.35 -25.15
CA TYR B 87 22.30 5.44 -24.97
C TYR B 87 23.33 5.41 -26.08
N GLY B 88 23.52 6.56 -26.74
CA GLY B 88 24.49 6.64 -27.82
C GLY B 88 23.86 6.48 -29.19
N TYR B 89 22.61 6.02 -29.23
CA TYR B 89 21.96 5.77 -30.51
C TYR B 89 20.67 6.58 -30.67
N GLU B 90 19.86 6.60 -29.61
CA GLU B 90 18.68 7.46 -29.59
C GLU B 90 19.10 8.82 -29.04
N SER B 91 18.96 9.86 -29.86
CA SER B 91 19.52 11.17 -29.54
C SER B 91 19.02 11.75 -28.22
N HIS B 92 17.74 11.55 -27.92
CA HIS B 92 17.15 12.13 -26.71
C HIS B 92 17.61 11.43 -25.44
N MET B 93 17.49 10.10 -25.39
CA MET B 93 17.97 9.37 -24.23
C MET B 93 19.46 9.62 -24.02
N THR B 94 20.17 9.83 -25.12
CA THR B 94 21.60 10.13 -25.05
C THR B 94 21.83 11.48 -24.38
N GLU B 95 21.09 12.50 -24.83
CA GLU B 95 21.14 13.80 -24.18
C GLU B 95 20.73 13.67 -22.70
N PHE B 96 19.69 12.88 -22.45
CA PHE B 96 19.20 12.70 -21.08
C PHE B 96 20.31 12.21 -20.16
N LEU B 97 20.97 11.11 -20.52
CA LEU B 97 21.95 10.51 -19.64
C LEU B 97 23.27 11.29 -19.64
N ASN B 98 23.46 12.12 -20.64
CA ASN B 98 24.63 12.99 -20.66
C ASN B 98 24.46 14.17 -19.70
N LYS B 99 23.28 14.75 -19.65
CA LYS B 99 23.07 15.98 -18.91
C LYS B 99 22.52 15.77 -17.50
N LEU B 100 21.83 14.65 -17.29
CA LEU B 100 21.32 14.36 -15.96
C LEU B 100 21.48 12.91 -15.55
N ASP B 101 21.18 12.62 -14.28
CA ASP B 101 21.18 11.26 -13.78
C ASP B 101 19.75 10.87 -13.44
N PHE B 102 19.42 9.60 -13.64
CA PHE B 102 18.19 9.04 -13.10
C PHE B 102 18.55 8.19 -11.89
N TYR B 103 17.93 8.52 -10.75
CA TYR B 103 17.94 7.62 -9.61
C TYR B 103 16.71 6.74 -9.71
N VAL B 104 16.92 5.45 -9.97
CA VAL B 104 15.81 4.51 -10.11
C VAL B 104 15.80 3.57 -8.92
N LEU B 105 14.74 3.63 -8.13
CA LEU B 105 14.57 2.75 -6.98
C LEU B 105 13.57 1.67 -7.36
N PRO B 106 14.07 0.48 -7.74
CA PRO B 106 13.27 -0.56 -8.38
C PRO B 106 12.11 -1.09 -7.51
N VAL B 107 12.39 -1.28 -6.22
CA VAL B 107 11.34 -1.70 -5.28
C VAL B 107 11.55 -1.05 -3.92
N LEU B 108 10.60 -0.23 -3.50
CA LEU B 108 10.69 0.39 -2.18
C LEU B 108 10.17 -0.52 -1.10
N ASN B 109 8.97 -1.05 -1.30
CA ASN B 109 8.31 -1.87 -0.28
C ASN B 109 8.60 -3.34 -0.57
N ILE B 110 9.86 -3.72 -0.36
CA ILE B 110 10.31 -5.07 -0.66
C ILE B 110 9.59 -6.12 0.19
N ASP B 111 9.44 -5.86 1.48
CA ASP B 111 8.83 -6.84 2.38
C ASP B 111 7.40 -7.15 1.95
N GLY B 112 6.64 -6.12 1.61
CA GLY B 112 5.29 -6.34 1.17
C GLY B 112 5.28 -7.10 -0.14
N TYR B 113 6.23 -6.77 -1.01
CA TYR B 113 6.30 -7.43 -2.31
C TYR B 113 6.52 -8.92 -2.16
N ILE B 114 7.41 -9.32 -1.26
CA ILE B 114 7.66 -10.74 -1.03
C ILE B 114 6.39 -11.42 -0.58
N TYR B 115 5.67 -10.73 0.29
CA TYR B 115 4.43 -11.23 0.84
C TYR B 115 3.38 -11.46 -0.24
N THR B 116 3.36 -10.61 -1.27
CA THR B 116 2.42 -10.82 -2.37
C THR B 116 2.80 -12.03 -3.21
N TRP B 117 4.08 -12.42 -3.15
CA TRP B 117 4.55 -13.63 -3.84
C TRP B 117 4.39 -14.89 -3.01
N THR B 118 4.41 -14.76 -1.69
CA THR B 118 4.40 -15.93 -0.82
C THR B 118 3.03 -16.23 -0.17
N LYS B 119 2.25 -15.20 0.14
CA LYS B 119 1.07 -15.37 0.98
C LYS B 119 -0.22 -14.74 0.46
N ASN B 120 -0.15 -13.48 0.07
CA ASN B 120 -1.37 -12.72 -0.24
C ASN B 120 -1.10 -11.76 -1.39
N ARG B 121 -1.51 -12.16 -2.59
CA ARG B 121 -1.28 -11.40 -3.81
C ARG B 121 -1.83 -9.97 -3.74
N MET B 122 -2.79 -9.74 -2.86
CA MET B 122 -3.45 -8.43 -2.81
C MET B 122 -2.96 -7.55 -1.66
N TRP B 123 -1.86 -7.95 -1.02
CA TRP B 123 -1.32 -7.13 0.08
C TRP B 123 -0.87 -5.77 -0.45
N ARG B 124 -1.02 -4.73 0.37
CA ARG B 124 -0.69 -3.36 -0.03
C ARG B 124 0.45 -2.77 0.78
N LYS B 125 0.38 -2.93 2.10
CA LYS B 125 1.21 -2.17 3.03
C LYS B 125 2.62 -2.72 3.20
N THR B 126 3.37 -2.14 4.13
CA THR B 126 4.63 -2.74 4.57
C THR B 126 4.27 -3.95 5.43
N ARG B 127 5.30 -4.59 6.01
CA ARG B 127 5.07 -5.75 6.86
C ARG B 127 5.59 -5.55 8.28
N SER B 128 5.64 -4.30 8.74
CA SER B 128 6.08 -4.03 10.10
C SER B 128 4.98 -4.32 11.11
N THR B 129 5.37 -4.60 12.35
CA THR B 129 4.43 -4.92 13.41
C THR B 129 3.83 -3.66 14.03
N ASN B 130 2.66 -3.81 14.63
CA ASN B 130 1.98 -2.70 15.28
C ASN B 130 1.60 -3.09 16.71
N ALA B 131 1.91 -2.22 17.66
CA ALA B 131 1.64 -2.47 19.07
C ALA B 131 0.14 -2.61 19.31
N GLY B 132 -0.23 -3.56 20.15
CA GLY B 132 -1.61 -3.66 20.60
C GLY B 132 -2.56 -4.30 19.61
N THR B 133 -2.03 -4.95 18.59
CA THR B 133 -2.86 -5.58 17.57
C THR B 133 -2.09 -6.63 16.79
N THR B 134 -2.81 -7.56 16.16
CA THR B 134 -2.20 -8.55 15.29
C THR B 134 -2.06 -8.01 13.88
N CYS B 135 -2.70 -6.87 13.62
CA CYS B 135 -2.70 -6.28 12.29
C CYS B 135 -1.32 -5.76 11.92
N ILE B 136 -0.93 -6.03 10.68
CA ILE B 136 0.43 -5.78 10.22
C ILE B 136 0.47 -4.65 9.20
N GLY B 137 1.52 -3.84 9.28
CA GLY B 137 1.88 -2.99 8.16
C GLY B 137 1.36 -1.57 8.20
N THR B 138 2.09 -0.69 7.53
CA THR B 138 1.72 0.70 7.35
C THR B 138 1.67 1.01 5.86
N ASP B 139 0.77 1.89 5.45
CA ASP B 139 0.75 2.35 4.07
C ASP B 139 1.90 3.30 3.84
N PRO B 140 2.91 2.88 3.06
CA PRO B 140 4.06 3.78 2.87
C PRO B 140 3.67 5.13 2.26
N ASN B 141 2.62 5.15 1.44
CA ASN B 141 2.21 6.41 0.85
C ASN B 141 1.23 7.20 1.71
N ARG B 142 1.17 6.86 3.00
CA ARG B 142 0.50 7.73 3.98
C ARG B 142 1.47 8.07 5.10
N ASN B 143 2.73 7.72 4.92
CA ASN B 143 3.71 7.75 6.01
C ASN B 143 4.72 8.86 5.81
N PHE B 144 4.50 9.72 4.81
CA PHE B 144 5.41 10.83 4.60
C PHE B 144 4.97 12.09 5.29
N ASP B 145 5.91 13.01 5.49
CA ASP B 145 5.66 14.22 6.26
C ASP B 145 5.01 15.29 5.38
N ALA B 146 3.85 14.96 4.82
CA ALA B 146 3.10 15.89 4.00
C ALA B 146 1.68 15.96 4.54
N GLY B 147 1.40 16.99 5.33
CA GLY B 147 0.14 17.05 6.05
C GLY B 147 -0.14 15.73 6.76
N TRP B 148 0.91 15.16 7.35
CA TRP B 148 0.87 13.75 7.76
C TRP B 148 -0.38 13.35 8.57
N CYS B 149 -1.06 12.31 8.06
CA CYS B 149 -2.21 11.69 8.72
C CYS B 149 -3.36 12.64 9.03
N THR B 150 -3.49 13.73 8.28
CA THR B 150 -4.57 14.67 8.53
C THR B 150 -5.87 14.41 7.77
N THR B 151 -5.77 13.70 6.65
CA THR B 151 -6.96 13.40 5.85
C THR B 151 -6.71 12.21 4.93
N GLY B 152 -7.76 11.48 4.59
CA GLY B 152 -7.60 10.36 3.67
C GLY B 152 -6.64 9.31 4.17
N ALA B 153 -6.51 9.20 5.49
CA ALA B 153 -5.58 8.28 6.12
C ALA B 153 -6.18 7.82 7.44
N SER B 154 -5.81 6.62 7.86
CA SER B 154 -6.37 6.04 9.08
C SER B 154 -5.33 5.94 10.18
N THR B 155 -5.78 6.09 11.43
CA THR B 155 -4.94 5.84 12.59
C THR B 155 -5.12 4.41 13.08
N ASP B 156 -5.97 3.64 12.39
CA ASP B 156 -6.20 2.24 12.73
C ASP B 156 -5.22 1.36 11.98
N PRO B 157 -4.37 0.63 12.71
CA PRO B 157 -3.32 -0.19 12.11
C PRO B 157 -3.83 -1.30 11.20
N CYS B 158 -5.10 -1.67 11.36
CA CYS B 158 -5.71 -2.70 10.53
C CYS B 158 -6.16 -2.19 9.17
N ASP B 159 -6.20 -0.86 9.03
CA ASP B 159 -6.70 -0.26 7.80
C ASP B 159 -5.62 -0.20 6.72
N GLU B 160 -6.04 -0.27 5.47
CA GLU B 160 -5.11 -0.32 4.36
C GLU B 160 -4.40 1.00 4.13
N THR B 161 -4.93 2.08 4.71
CA THR B 161 -4.27 3.39 4.61
C THR B 161 -3.74 3.87 5.96
N TYR B 162 -3.47 2.93 6.86
CA TYR B 162 -2.85 3.27 8.13
C TYR B 162 -1.63 4.15 7.89
N CYS B 163 -1.56 5.25 8.61
CA CYS B 163 -0.56 6.26 8.34
C CYS B 163 0.73 6.03 9.14
N GLY B 164 0.73 5.00 9.98
CA GLY B 164 1.91 4.70 10.77
C GLY B 164 1.84 5.33 12.15
N SER B 165 2.79 4.96 13.00
CA SER B 165 2.83 5.46 14.37
C SER B 165 3.38 6.89 14.41
N ALA B 166 4.03 7.29 13.32
CA ALA B 166 4.54 8.65 13.19
C ALA B 166 4.99 8.83 11.75
N ALA B 167 5.19 10.07 11.33
CA ALA B 167 5.71 10.31 9.99
C ALA B 167 7.07 9.62 9.88
N GLU B 168 7.29 8.93 8.77
CA GLU B 168 8.54 8.22 8.53
C GLU B 168 8.83 7.15 9.59
N SER B 169 7.77 6.59 10.17
CA SER B 169 7.92 5.52 11.13
C SER B 169 8.52 4.28 10.47
N GLU B 170 8.24 4.12 9.18
CA GLU B 170 8.72 2.97 8.44
C GLU B 170 10.15 3.17 7.97
N LYS B 171 10.96 2.13 8.10
CA LYS B 171 12.36 2.23 7.74
C LYS B 171 12.46 2.58 6.26
N GLU B 172 11.55 2.03 5.47
CA GLU B 172 11.63 2.25 4.03
C GLU B 172 11.38 3.71 3.64
N THR B 173 10.39 4.34 4.27
CA THR B 173 10.08 5.73 3.91
C THR B 173 11.13 6.68 4.46
N LYS B 174 11.59 6.41 5.68
CA LYS B 174 12.69 7.17 6.25
C LYS B 174 13.92 7.11 5.33
N ALA B 175 14.19 5.92 4.80
CA ALA B 175 15.33 5.75 3.89
C ALA B 175 15.19 6.62 2.64
N LEU B 176 14.00 6.61 2.05
CA LEU B 176 13.75 7.38 0.83
C LEU B 176 13.80 8.87 1.13
N ALA B 177 13.18 9.29 2.22
CA ALA B 177 13.16 10.70 2.57
C ALA B 177 14.57 11.17 2.91
N ASP B 178 15.35 10.33 3.61
CA ASP B 178 16.72 10.67 3.93
C ASP B 178 17.53 10.89 2.67
N PHE B 179 17.35 10.02 1.68
CA PHE B 179 18.13 10.12 0.47
C PHE B 179 17.80 11.39 -0.29
N ILE B 180 16.51 11.66 -0.43
CA ILE B 180 16.11 12.84 -1.20
C ILE B 180 16.54 14.11 -0.48
N ARG B 181 16.39 14.14 0.84
CA ARG B 181 16.82 15.30 1.60
C ARG B 181 18.33 15.55 1.46
N ASN B 182 19.09 14.47 1.35
CA ASN B 182 20.55 14.56 1.21
C ASN B 182 20.98 14.99 -0.18
N ASN B 183 20.07 14.89 -1.14
CA ASN B 183 20.40 15.16 -2.54
C ASN B 183 19.50 16.23 -3.13
N LEU B 184 18.99 17.08 -2.26
CA LEU B 184 17.93 18.00 -2.62
C LEU B 184 18.37 18.98 -3.71
N SER B 185 19.63 19.39 -3.68
CA SER B 185 20.10 20.40 -4.61
C SER B 185 20.08 19.89 -6.04
N SER B 186 20.25 18.58 -6.22
CA SER B 186 20.38 18.02 -7.56
C SER B 186 19.07 17.54 -8.15
N ILE B 187 18.18 17.02 -7.31
CA ILE B 187 16.93 16.42 -7.79
C ILE B 187 15.93 17.47 -8.25
N LYS B 188 15.57 17.41 -9.52
CA LYS B 188 14.72 18.44 -10.13
C LYS B 188 13.31 17.91 -10.42
N ALA B 189 13.16 16.58 -10.37
CA ALA B 189 11.85 15.98 -10.56
C ALA B 189 11.74 14.69 -9.77
N TYR B 190 10.53 14.38 -9.31
CA TYR B 190 10.25 13.18 -8.56
C TYR B 190 9.11 12.45 -9.25
N LEU B 191 9.35 11.19 -9.59
CA LEU B 191 8.34 10.40 -10.28
C LEU B 191 8.11 9.13 -9.48
N THR B 192 6.87 8.88 -9.09
CA THR B 192 6.60 7.69 -8.29
C THR B 192 5.55 6.85 -8.99
N ILE B 193 5.90 5.59 -9.25
CA ILE B 193 5.13 4.74 -10.15
C ILE B 193 4.20 3.79 -9.40
N HIS B 194 2.92 3.80 -9.77
CA HIS B 194 1.89 3.01 -9.10
C HIS B 194 0.99 2.35 -10.16
N SER B 195 0.04 1.54 -9.71
CA SER B 195 -1.08 1.14 -10.57
C SER B 195 -2.28 0.89 -9.65
N TYR B 196 -3.50 0.82 -10.19
CA TYR B 196 -3.79 1.06 -11.61
C TYR B 196 -4.69 2.29 -11.70
N SER B 197 -5.07 2.66 -12.91
CA SER B 197 -6.08 3.69 -13.15
C SER B 197 -5.83 4.50 -14.41
N GLN B 198 -4.61 4.45 -14.92
CA GLN B 198 -4.20 5.22 -16.09
C GLN B 198 -4.39 6.72 -15.86
N MET B 199 -3.61 7.26 -14.94
CA MET B 199 -3.68 8.66 -14.55
C MET B 199 -2.27 9.19 -14.31
N ILE B 200 -2.09 10.49 -14.52
CA ILE B 200 -0.93 11.19 -13.98
C ILE B 200 -1.44 12.24 -13.01
N LEU B 201 -1.06 12.10 -11.73
CA LEU B 201 -1.50 13.03 -10.70
C LEU B 201 -0.32 13.87 -10.21
N TYR B 202 -0.60 15.08 -9.77
CA TYR B 202 0.41 15.91 -9.12
C TYR B 202 -0.19 16.58 -7.87
N PRO B 203 0.63 17.30 -7.10
CA PRO B 203 0.15 17.87 -5.83
C PRO B 203 -1.02 18.84 -6.03
N TYR B 204 -1.84 19.02 -4.99
CA TYR B 204 -1.69 18.34 -3.70
C TYR B 204 -2.77 17.30 -3.50
N SER B 205 -2.46 16.28 -2.70
CA SER B 205 -3.46 15.36 -2.20
C SER B 205 -3.83 15.62 -0.74
N TYR B 206 -2.87 16.13 0.04
CA TYR B 206 -3.13 16.32 1.48
C TYR B 206 -3.96 17.57 1.75
N ASP B 207 -4.14 18.41 0.74
CA ASP B 207 -4.95 19.61 0.86
C ASP B 207 -5.56 19.94 -0.51
N TYR B 208 -6.66 20.70 -0.50
CA TYR B 208 -7.29 21.09 -1.77
C TYR B 208 -6.63 22.32 -2.39
N LYS B 209 -5.72 22.95 -1.65
CA LYS B 209 -4.95 24.05 -2.21
C LYS B 209 -4.17 23.57 -3.43
N LEU B 210 -3.92 24.49 -4.36
CA LEU B 210 -3.19 24.17 -5.58
C LEU B 210 -1.75 24.65 -5.49
N PRO B 211 -0.81 23.88 -6.07
CA PRO B 211 0.59 24.29 -6.13
C PRO B 211 0.74 25.55 -6.99
N GLU B 212 1.75 26.37 -6.70
CA GLU B 212 1.94 27.62 -7.41
C GLU B 212 2.02 27.37 -8.91
N ASN B 213 2.66 26.27 -9.30
CA ASN B 213 2.84 25.97 -10.71
C ASN B 213 1.79 24.97 -11.22
N ASN B 214 0.62 25.03 -10.63
CA ASN B 214 -0.49 24.16 -11.02
C ASN B 214 -0.70 24.13 -12.53
N ALA B 215 -0.76 25.31 -13.15
CA ALA B 215 -1.05 25.41 -14.58
C ALA B 215 0.05 24.74 -15.38
N GLU B 216 1.30 24.97 -14.99
CA GLU B 216 2.43 24.37 -15.69
C GLU B 216 2.38 22.85 -15.58
N LEU B 217 2.09 22.34 -14.38
CA LEU B 217 2.02 20.90 -14.16
C LEU B 217 0.86 20.28 -14.93
N ASN B 218 -0.28 20.98 -14.99
CA ASN B 218 -1.43 20.48 -15.71
C ASN B 218 -1.12 20.40 -17.21
N ASN B 219 -0.49 21.45 -17.72
CA ASN B 219 -0.11 21.50 -19.13
C ASN B 219 0.88 20.38 -19.47
N LEU B 220 1.82 20.13 -18.57
CA LEU B 220 2.84 19.12 -18.81
C LEU B 220 2.23 17.73 -18.81
N ALA B 221 1.32 17.48 -17.86
CA ALA B 221 0.66 16.19 -17.73
C ALA B 221 -0.23 15.95 -18.94
N LYS B 222 -0.95 16.99 -19.35
CA LYS B 222 -1.77 16.94 -20.55
C LYS B 222 -0.95 16.52 -21.76
N ALA B 223 0.22 17.12 -21.92
CA ALA B 223 1.08 16.83 -23.06
C ALA B 223 1.67 15.42 -22.94
N ALA B 224 1.99 15.02 -21.71
CA ALA B 224 2.57 13.72 -21.48
C ALA B 224 1.59 12.59 -21.85
N VAL B 225 0.33 12.74 -21.47
CA VAL B 225 -0.68 11.70 -21.73
C VAL B 225 -0.99 11.59 -23.22
N LYS B 226 -0.91 12.70 -23.94
CA LYS B 226 -1.11 12.66 -25.38
C LYS B 226 0.04 11.89 -26.06
N GLU B 227 1.27 12.12 -25.60
CA GLU B 227 2.40 11.36 -26.08
C GLU B 227 2.22 9.87 -25.83
N LEU B 228 1.78 9.52 -24.62
CA LEU B 228 1.62 8.12 -24.25
C LEU B 228 0.58 7.43 -25.14
N ALA B 229 -0.44 8.17 -25.56
CA ALA B 229 -1.54 7.58 -26.33
C ALA B 229 -1.17 7.29 -27.78
N THR B 230 -0.07 7.88 -28.25
CA THR B 230 0.33 7.74 -29.65
C THR B 230 0.68 6.30 -30.04
N LEU B 231 1.02 5.49 -29.05
CA LEU B 231 1.53 4.16 -29.34
C LEU B 231 0.42 3.15 -29.53
N TYR B 232 -0.45 3.03 -28.54
CA TYR B 232 -1.48 2.01 -28.54
C TYR B 232 -2.87 2.59 -28.25
N GLY B 233 -2.93 3.92 -28.17
CA GLY B 233 -4.22 4.58 -27.98
C GLY B 233 -4.69 4.59 -26.54
N THR B 234 -3.83 4.19 -25.63
CA THR B 234 -4.19 4.12 -24.23
C THR B 234 -4.51 5.51 -23.67
N LYS B 235 -5.64 5.63 -22.99
CA LYS B 235 -6.12 6.93 -22.51
C LYS B 235 -5.89 7.13 -21.01
N TYR B 236 -5.15 8.20 -20.69
CA TYR B 236 -4.91 8.60 -19.30
C TYR B 236 -5.68 9.87 -18.98
N THR B 237 -6.06 10.04 -17.72
CA THR B 237 -6.51 11.33 -17.22
C THR B 237 -5.46 11.90 -16.27
N TYR B 238 -5.67 13.13 -15.78
CA TYR B 238 -4.63 13.80 -15.00
C TYR B 238 -5.18 14.98 -14.20
N GLY B 239 -4.44 15.40 -13.18
CA GLY B 239 -4.82 16.57 -12.44
C GLY B 239 -4.27 16.56 -11.04
N PRO B 240 -4.62 17.55 -10.22
CA PRO B 240 -4.20 17.58 -8.82
C PRO B 240 -4.86 16.43 -8.06
N GLY B 241 -4.09 15.73 -7.25
CA GLY B 241 -4.56 14.49 -6.67
C GLY B 241 -5.85 14.57 -5.88
N ALA B 242 -5.99 15.64 -5.09
CA ALA B 242 -7.10 15.72 -4.15
C ALA B 242 -8.44 15.72 -4.88
N THR B 243 -8.56 16.54 -5.92
CA THR B 243 -9.81 16.63 -6.66
C THR B 243 -9.90 15.60 -7.76
N THR B 244 -8.76 15.11 -8.24
CA THR B 244 -8.75 14.24 -9.40
C THR B 244 -9.01 12.78 -9.04
N ILE B 245 -8.54 12.33 -7.88
CA ILE B 245 -8.79 10.95 -7.48
C ILE B 245 -9.38 10.84 -6.07
N TYR B 246 -8.64 11.31 -5.06
CA TYR B 246 -9.19 11.47 -3.73
C TYR B 246 -8.21 12.19 -2.82
N PRO B 247 -8.72 12.85 -1.77
CA PRO B 247 -7.82 13.48 -0.79
C PRO B 247 -7.10 12.42 0.03
N ALA B 248 -5.81 12.62 0.28
CA ALA B 248 -5.02 11.68 1.06
C ALA B 248 -3.72 12.36 1.48
N ALA B 249 -3.42 12.30 2.78
CA ALA B 249 -2.23 12.96 3.30
C ALA B 249 -1.07 11.97 3.34
N GLY B 250 0.14 12.47 3.55
CA GLY B 250 1.27 11.59 3.82
C GLY B 250 1.92 10.98 2.59
N GLY B 251 1.56 11.47 1.40
CA GLY B 251 2.09 10.91 0.17
C GLY B 251 3.45 11.48 -0.21
N SER B 252 4.26 10.68 -0.90
CA SER B 252 5.62 11.09 -1.21
C SER B 252 5.66 12.16 -2.30
N ASP B 253 4.66 12.15 -3.18
CA ASP B 253 4.63 13.16 -4.23
C ASP B 253 4.44 14.56 -3.64
N ASP B 254 3.51 14.71 -2.69
CA ASP B 254 3.33 16.01 -2.04
C ASP B 254 4.55 16.37 -1.21
N TRP B 255 5.13 15.37 -0.53
CA TRP B 255 6.28 15.64 0.32
C TRP B 255 7.47 16.14 -0.50
N ALA B 256 7.75 15.47 -1.62
CA ALA B 256 8.87 15.86 -2.46
C ALA B 256 8.64 17.27 -3.02
N TYR B 257 7.39 17.55 -3.38
CA TYR B 257 7.07 18.87 -3.92
C TYR B 257 7.35 19.95 -2.87
N ASP B 258 6.92 19.72 -1.64
CA ASP B 258 7.11 20.70 -0.57
C ASP B 258 8.59 20.84 -0.21
N GLN B 259 9.39 19.85 -0.60
CA GLN B 259 10.83 19.96 -0.46
C GLN B 259 11.45 20.87 -1.51
N GLY B 260 10.65 21.31 -2.48
CA GLY B 260 11.15 22.20 -3.50
C GLY B 260 11.35 21.56 -4.86
N ILE B 261 10.99 20.28 -4.96
CA ILE B 261 11.05 19.56 -6.23
C ILE B 261 9.79 19.86 -7.01
N LYS B 262 9.90 20.77 -7.99
CA LYS B 262 8.72 21.41 -8.57
C LYS B 262 7.94 20.52 -9.53
N TYR B 263 8.62 19.50 -10.06
CA TYR B 263 7.96 18.53 -10.92
C TYR B 263 7.81 17.21 -10.18
N SER B 264 6.61 16.98 -9.66
CA SER B 264 6.36 15.80 -8.83
C SER B 264 5.07 15.14 -9.31
N PHE B 265 5.17 13.88 -9.73
CA PHE B 265 4.05 13.19 -10.35
C PHE B 265 3.91 11.78 -9.78
N THR B 266 2.66 11.38 -9.55
CA THR B 266 2.32 9.98 -9.30
C THR B 266 1.74 9.42 -10.60
N PHE B 267 2.34 8.34 -11.10
CA PHE B 267 1.83 7.64 -12.29
C PHE B 267 1.01 6.44 -11.86
N GLU B 268 -0.18 6.30 -12.43
CA GLU B 268 -0.98 5.11 -12.28
C GLU B 268 -1.09 4.43 -13.63
N LEU B 269 -0.46 3.27 -13.78
CA LEU B 269 -0.38 2.62 -15.08
C LEU B 269 -1.64 1.81 -15.36
N ARG B 270 -1.60 0.96 -16.38
CA ARG B 270 -2.73 0.12 -16.76
C ARG B 270 -3.15 -0.81 -15.61
N ASP B 271 -4.42 -1.23 -15.59
CA ASP B 271 -5.40 -0.82 -16.58
C ASP B 271 -6.46 0.06 -15.91
N LYS B 272 -7.72 -0.13 -16.29
CA LYS B 272 -8.79 0.68 -15.75
C LYS B 272 -9.67 -0.11 -14.76
N GLY B 273 -9.24 -1.32 -14.45
CA GLY B 273 -9.97 -2.11 -13.47
C GLY B 273 -10.41 -3.46 -14.01
N ARG B 274 -10.21 -3.69 -15.30
CA ARG B 274 -10.58 -4.97 -15.91
C ARG B 274 -9.78 -6.09 -15.24
N TYR B 275 -8.46 -5.92 -15.20
CA TYR B 275 -7.61 -6.83 -14.44
C TYR B 275 -7.15 -6.18 -13.13
N GLY B 276 -7.16 -4.85 -13.10
CA GLY B 276 -6.77 -4.15 -11.89
C GLY B 276 -5.31 -4.37 -11.57
N PHE B 277 -5.04 -4.83 -10.35
CA PHE B 277 -3.67 -5.06 -9.92
C PHE B 277 -3.04 -6.28 -10.58
N ILE B 278 -3.87 -7.20 -11.04
CA ILE B 278 -3.37 -8.44 -11.60
C ILE B 278 -3.23 -8.32 -13.12
N LEU B 279 -2.47 -7.33 -13.58
CA LEU B 279 -2.32 -7.11 -15.00
C LEU B 279 -1.53 -8.27 -15.60
N PRO B 280 -2.05 -8.85 -16.69
CA PRO B 280 -1.41 -10.02 -17.32
C PRO B 280 -0.01 -9.69 -17.82
N GLU B 281 0.91 -10.64 -17.68
CA GLU B 281 2.28 -10.42 -18.12
C GLU B 281 2.32 -10.08 -19.61
N SER B 282 1.34 -10.56 -20.37
CA SER B 282 1.29 -10.29 -21.80
C SER B 282 1.15 -8.79 -22.11
N GLN B 283 0.77 -8.01 -21.11
CA GLN B 283 0.61 -6.57 -21.28
C GLN B 283 1.81 -5.77 -20.76
N ILE B 284 2.79 -6.44 -20.16
CA ILE B 284 3.94 -5.73 -19.62
C ILE B 284 4.66 -4.91 -20.68
N GLN B 285 4.92 -5.52 -21.84
CA GLN B 285 5.70 -4.85 -22.88
C GLN B 285 5.03 -3.59 -23.41
N ALA B 286 3.76 -3.69 -23.79
CA ALA B 286 3.06 -2.54 -24.35
C ALA B 286 2.90 -1.44 -23.29
N THR B 287 2.58 -1.85 -22.07
CA THR B 287 2.40 -0.91 -20.97
C THR B 287 3.67 -0.11 -20.72
N CYS B 288 4.80 -0.80 -20.64
CA CYS B 288 6.06 -0.15 -20.38
C CYS B 288 6.49 0.74 -21.54
N GLU B 289 6.27 0.28 -22.77
CA GLU B 289 6.67 1.07 -23.93
C GLU B 289 5.93 2.41 -23.98
N GLU B 290 4.63 2.39 -23.74
CA GLU B 290 3.86 3.63 -23.82
C GLU B 290 4.19 4.51 -22.61
N THR B 291 4.44 3.90 -21.47
CA THR B 291 4.81 4.66 -20.29
C THR B 291 6.17 5.34 -20.47
N MET B 292 7.08 4.68 -21.17
CA MET B 292 8.38 5.29 -21.47
C MET B 292 8.22 6.63 -22.17
N LEU B 293 7.25 6.72 -23.08
CA LEU B 293 7.09 7.94 -23.87
C LEU B 293 6.68 9.10 -22.97
N ALA B 294 5.85 8.84 -21.98
CA ALA B 294 5.44 9.89 -21.04
C ALA B 294 6.60 10.27 -20.13
N ILE B 295 7.33 9.27 -19.64
CA ILE B 295 8.47 9.54 -18.77
C ILE B 295 9.55 10.33 -19.52
N LYS B 296 9.81 9.96 -20.77
CA LYS B 296 10.81 10.68 -21.55
C LYS B 296 10.34 12.08 -21.91
N TYR B 297 9.03 12.25 -22.10
CA TYR B 297 8.49 13.58 -22.36
C TYR B 297 8.69 14.51 -21.17
N VAL B 298 8.35 14.02 -19.98
CA VAL B 298 8.58 14.78 -18.76
C VAL B 298 10.06 15.08 -18.60
N THR B 299 10.89 14.08 -18.87
CA THR B 299 12.33 14.24 -18.70
C THR B 299 12.88 15.33 -19.61
N ASN B 300 12.44 15.34 -20.86
CA ASN B 300 12.91 16.36 -21.80
C ASN B 300 12.44 17.73 -21.37
N TYR B 301 11.23 17.81 -20.82
CA TYR B 301 10.69 19.09 -20.38
C TYR B 301 11.49 19.63 -19.20
N VAL B 302 11.84 18.75 -18.26
CA VAL B 302 12.62 19.16 -17.10
C VAL B 302 14.00 19.67 -17.51
N LEU B 303 14.62 18.99 -18.46
CA LEU B 303 15.92 19.40 -18.97
C LEU B 303 15.88 20.82 -19.50
N GLY B 304 14.78 21.20 -20.12
CA GLY B 304 14.65 22.53 -20.68
C GLY B 304 14.16 23.55 -19.67
N HIS B 305 14.03 23.12 -18.43
CA HIS B 305 13.54 24.00 -17.37
C HIS B 305 14.35 23.84 -16.09
N LEU B 306 15.67 23.83 -16.24
CA LEU B 306 16.57 23.75 -15.10
C LEU B 306 16.82 25.13 -14.50
N GLY C 3 -44.28 4.65 12.73
CA GLY C 3 -43.09 4.11 12.09
C GLY C 3 -42.87 4.71 10.71
N HIS C 4 -41.66 5.16 10.45
CA HIS C 4 -41.34 5.80 9.17
C HIS C 4 -41.19 4.78 8.05
N SER C 5 -41.71 5.13 6.87
CA SER C 5 -41.53 4.33 5.67
C SER C 5 -41.31 5.24 4.46
N TYR C 6 -40.36 4.89 3.61
CA TYR C 6 -40.11 5.65 2.39
C TYR C 6 -41.18 5.39 1.33
N GLU C 7 -42.02 4.39 1.56
CA GLU C 7 -43.05 4.03 0.59
C GLU C 7 -44.45 4.42 1.06
N LYS C 8 -44.54 5.19 2.12
CA LYS C 8 -45.81 5.75 2.56
C LYS C 8 -45.64 7.24 2.79
N TYR C 9 -46.76 7.97 2.81
CA TYR C 9 -46.70 9.38 3.18
C TYR C 9 -46.64 9.45 4.70
N ASN C 10 -45.67 10.19 5.22
CA ASN C 10 -45.43 10.26 6.67
C ASN C 10 -45.89 11.62 7.22
N ASN C 11 -46.54 11.62 8.38
CA ASN C 11 -46.92 12.87 9.00
C ASN C 11 -45.69 13.58 9.54
N TRP C 12 -45.86 14.83 9.98
CA TRP C 12 -44.72 15.64 10.32
C TRP C 12 -43.94 15.07 11.50
N GLU C 13 -44.65 14.60 12.53
CA GLU C 13 -43.97 14.06 13.69
C GLU C 13 -43.05 12.93 13.28
N THR C 14 -43.50 12.10 12.33
CA THR C 14 -42.70 10.99 11.85
C THR C 14 -41.52 11.45 10.99
N ILE C 15 -41.74 12.47 10.16
CA ILE C 15 -40.66 13.01 9.36
C ILE C 15 -39.64 13.74 10.24
N GLU C 16 -40.12 14.41 11.27
CA GLU C 16 -39.23 15.08 12.21
C GLU C 16 -38.32 14.07 12.89
N ALA C 17 -38.92 13.01 13.42
CA ALA C 17 -38.16 11.99 14.10
C ALA C 17 -37.19 11.31 13.13
N TRP C 18 -37.61 11.20 11.88
CA TRP C 18 -36.77 10.59 10.86
C TRP C 18 -35.53 11.42 10.58
N THR C 19 -35.67 12.74 10.55
CA THR C 19 -34.51 13.59 10.26
C THR C 19 -33.45 13.38 11.33
N LYS C 20 -33.91 13.15 12.56
CA LYS C 20 -33.00 12.95 13.68
C LYS C 20 -32.32 11.59 13.56
N GLN C 21 -33.12 10.56 13.28
CA GLN C 21 -32.63 9.19 13.27
C GLN C 21 -31.68 8.91 12.11
N VAL C 22 -32.03 9.39 10.92
CA VAL C 22 -31.24 9.08 9.74
C VAL C 22 -29.91 9.84 9.80
N THR C 23 -29.89 10.94 10.53
CA THR C 23 -28.66 11.66 10.81
C THR C 23 -27.80 10.87 11.79
N SER C 24 -28.43 10.31 12.81
CA SER C 24 -27.73 9.49 13.81
C SER C 24 -27.11 8.25 13.18
N GLU C 25 -27.80 7.70 12.18
CA GLU C 25 -27.37 6.44 11.56
C GLU C 25 -26.30 6.66 10.50
N ASN C 26 -26.11 7.92 10.10
CA ASN C 26 -25.15 8.23 9.04
C ASN C 26 -24.35 9.49 9.34
N PRO C 27 -23.60 9.48 10.45
CA PRO C 27 -22.88 10.66 10.95
C PRO C 27 -21.83 11.18 9.97
N ASP C 28 -21.32 10.30 9.12
CA ASP C 28 -20.23 10.66 8.22
C ASP C 28 -20.74 11.23 6.90
N LEU C 29 -22.06 11.22 6.73
CA LEU C 29 -22.66 11.60 5.45
C LEU C 29 -23.76 12.64 5.62
N ILE C 30 -24.35 12.71 6.81
CA ILE C 30 -25.50 13.59 7.04
C ILE C 30 -25.38 14.42 8.31
N SER C 31 -25.61 15.73 8.17
CA SER C 31 -25.69 16.62 9.31
C SER C 31 -27.05 17.32 9.28
N ARG C 32 -27.64 17.54 10.45
CA ARG C 32 -28.94 18.21 10.54
C ARG C 32 -28.89 19.51 11.33
N THR C 33 -29.53 20.54 10.78
CA THR C 33 -29.69 21.82 11.46
C THR C 33 -31.11 22.33 11.27
N ALA C 34 -31.48 23.33 12.07
CA ALA C 34 -32.74 24.04 11.85
C ALA C 34 -32.42 25.46 11.38
N ILE C 35 -32.96 25.86 10.23
CA ILE C 35 -32.66 27.16 9.67
C ILE C 35 -33.62 28.24 10.16
N GLY C 36 -34.55 27.84 11.04
CA GLY C 36 -35.55 28.77 11.54
C GLY C 36 -36.77 28.03 12.05
N THR C 37 -37.80 28.77 12.45
CA THR C 37 -39.05 28.17 12.92
C THR C 37 -40.24 28.66 12.11
N THR C 38 -41.30 27.86 12.09
CA THR C 38 -42.51 28.24 11.35
C THR C 38 -43.35 29.22 12.14
N PHE C 39 -44.47 29.65 11.55
CA PHE C 39 -45.40 30.53 12.24
C PHE C 39 -45.86 29.91 13.57
N LEU C 40 -46.09 28.61 13.56
CA LEU C 40 -46.59 27.91 14.75
C LEU C 40 -45.46 27.43 15.66
N GLY C 41 -44.22 27.66 15.24
CA GLY C 41 -43.08 27.41 16.12
C GLY C 41 -42.35 26.10 15.88
N ASN C 42 -42.67 25.42 14.79
CA ASN C 42 -42.00 24.17 14.47
C ASN C 42 -40.64 24.43 13.83
N ASN C 43 -39.69 23.56 14.12
CA ASN C 43 -38.34 23.70 13.60
C ASN C 43 -38.28 23.34 12.13
N ILE C 44 -37.69 24.22 11.32
CA ILE C 44 -37.51 23.93 9.90
C ILE C 44 -36.14 23.29 9.75
N TYR C 45 -36.13 21.97 9.65
CA TYR C 45 -34.87 21.22 9.60
C TYR C 45 -34.29 21.18 8.19
N LEU C 46 -32.97 21.17 8.12
CA LEU C 46 -32.26 21.03 6.85
C LEU C 46 -31.22 19.93 7.02
N LEU C 47 -31.12 19.05 6.01
CA LEU C 47 -30.13 17.99 6.05
C LEU C 47 -29.00 18.29 5.07
N LYS C 48 -27.78 18.34 5.59
CA LYS C 48 -26.61 18.49 4.76
C LYS C 48 -26.05 17.10 4.44
N VAL C 49 -26.26 16.65 3.20
CA VAL C 49 -25.88 15.31 2.78
C VAL C 49 -24.60 15.33 1.94
N GLY C 50 -23.64 14.51 2.33
CA GLY C 50 -22.38 14.44 1.61
C GLY C 50 -21.19 14.19 2.53
N LYS C 51 -20.09 13.75 1.94
CA LYS C 51 -18.85 13.53 2.68
C LYS C 51 -18.21 14.89 3.00
N PRO C 52 -18.06 15.20 4.30
CA PRO C 52 -17.61 16.52 4.76
C PRO C 52 -16.24 16.93 4.23
N GLY C 53 -16.06 18.23 4.02
CA GLY C 53 -14.80 18.74 3.52
C GLY C 53 -14.90 20.17 3.02
N PRO C 54 -13.84 20.96 3.16
CA PRO C 54 -13.86 22.36 2.68
C PRO C 54 -13.90 22.45 1.16
N ASN C 55 -14.19 23.65 0.65
CA ASN C 55 -14.17 23.93 -0.77
C ASN C 55 -15.35 23.34 -1.54
N LYS C 56 -16.16 22.55 -0.85
CA LYS C 56 -17.24 21.81 -1.52
C LYS C 56 -18.35 22.72 -2.00
N PRO C 57 -18.65 22.66 -3.31
CA PRO C 57 -19.85 23.31 -3.86
C PRO C 57 -21.10 22.55 -3.38
N ALA C 58 -22.25 23.20 -3.41
CA ALA C 58 -23.47 22.57 -2.92
C ALA C 58 -24.63 22.68 -3.91
N ILE C 59 -25.55 21.73 -3.80
CA ILE C 59 -26.84 21.83 -4.49
C ILE C 59 -27.92 21.90 -3.41
N PHE C 60 -28.80 22.88 -3.53
CA PHE C 60 -29.87 23.05 -2.54
C PHE C 60 -31.19 22.55 -3.11
N MET C 61 -31.84 21.63 -2.39
CA MET C 61 -33.13 21.12 -2.79
C MET C 61 -34.13 21.19 -1.64
N ASP C 62 -35.30 21.77 -1.89
CA ASP C 62 -36.35 21.75 -0.90
C ASP C 62 -37.60 21.06 -1.41
N CYS C 63 -38.39 20.55 -0.47
CA CYS C 63 -39.70 20.01 -0.80
C CYS C 63 -40.75 20.63 0.13
N GLY C 64 -42.01 20.44 -0.21
CA GLY C 64 -43.08 20.82 0.70
C GLY C 64 -43.31 22.31 0.86
N PHE C 65 -43.01 23.08 -0.19
CA PHE C 65 -43.38 24.51 -0.20
C PHE C 65 -44.89 24.54 0.01
N HIS C 66 -45.58 23.67 -0.72
CA HIS C 66 -47.02 23.66 -0.74
C HIS C 66 -47.55 22.40 -0.07
N ALA C 67 -48.48 22.59 0.86
CA ALA C 67 -48.83 21.57 1.84
C ALA C 67 -49.43 20.32 1.22
N ARG C 68 -50.27 20.49 0.20
CA ARG C 68 -51.04 19.38 -0.35
C ARG C 68 -50.24 18.52 -1.32
N GLU C 69 -49.04 18.96 -1.66
CA GLU C 69 -48.23 18.28 -2.67
C GLU C 69 -47.36 17.18 -2.06
N TRP C 70 -48.03 16.17 -1.51
CA TRP C 70 -47.41 15.19 -0.63
C TRP C 70 -46.28 14.39 -1.27
N ILE C 71 -46.38 14.14 -2.57
CA ILE C 71 -45.34 13.38 -3.24
C ILE C 71 -44.02 14.16 -3.21
N SER C 72 -44.11 15.48 -3.06
CA SER C 72 -42.90 16.30 -2.92
C SER C 72 -42.15 15.95 -1.63
N HIS C 73 -42.85 16.04 -0.50
CA HIS C 73 -42.23 15.72 0.79
C HIS C 73 -41.66 14.31 0.71
N ALA C 74 -42.41 13.42 0.08
CA ALA C 74 -41.98 12.03 -0.03
C ALA C 74 -40.66 11.94 -0.79
N PHE C 75 -40.46 12.81 -1.78
CA PHE C 75 -39.27 12.70 -2.60
C PHE C 75 -37.99 13.14 -1.88
N CYS C 76 -38.07 14.20 -1.09
CA CYS C 76 -36.88 14.64 -0.37
C CYS C 76 -36.41 13.55 0.57
N GLN C 77 -37.36 12.82 1.16
CA GLN C 77 -37.00 11.68 1.99
C GLN C 77 -36.40 10.57 1.15
N TRP C 78 -36.97 10.32 -0.03
CA TRP C 78 -36.48 9.25 -0.88
C TRP C 78 -35.05 9.53 -1.37
N PHE C 79 -34.76 10.79 -1.63
CA PHE C 79 -33.41 11.15 -2.07
C PHE C 79 -32.38 10.79 -1.00
N VAL C 80 -32.71 11.12 0.24
CA VAL C 80 -31.81 10.81 1.36
C VAL C 80 -31.67 9.30 1.52
N ARG C 81 -32.75 8.57 1.25
CA ARG C 81 -32.71 7.10 1.29
C ARG C 81 -31.74 6.54 0.25
N GLU C 82 -31.81 7.07 -0.97
CA GLU C 82 -30.94 6.61 -2.04
C GLU C 82 -29.50 7.01 -1.80
N ALA C 83 -29.31 8.17 -1.17
CA ALA C 83 -27.97 8.63 -0.86
C ALA C 83 -27.26 7.61 0.03
N VAL C 84 -27.95 7.13 1.06
CA VAL C 84 -27.33 6.28 2.06
C VAL C 84 -27.20 4.82 1.62
N LEU C 85 -28.15 4.35 0.81
CA LEU C 85 -28.11 2.98 0.31
C LEU C 85 -27.18 2.87 -0.90
N THR C 86 -26.76 4.01 -1.41
CA THR C 86 -25.99 4.05 -2.65
C THR C 86 -24.55 4.55 -2.45
N TYR C 87 -24.34 5.40 -1.44
CA TYR C 87 -23.01 5.92 -1.18
C TYR C 87 -22.07 4.78 -0.76
N GLY C 88 -20.93 4.68 -1.43
CA GLY C 88 -20.00 3.60 -1.13
C GLY C 88 -20.32 2.34 -1.91
N TYR C 89 -21.40 2.37 -2.68
CA TYR C 89 -21.82 1.21 -3.47
C TYR C 89 -21.82 1.52 -4.97
N GLU C 90 -22.44 2.64 -5.33
CA GLU C 90 -22.55 3.04 -6.73
C GLU C 90 -21.61 4.22 -6.98
N SER C 91 -20.85 4.13 -8.07
CA SER C 91 -19.76 5.06 -8.33
C SER C 91 -20.21 6.52 -8.49
N HIS C 92 -21.31 6.74 -9.21
CA HIS C 92 -21.75 8.10 -9.51
C HIS C 92 -22.21 8.86 -8.27
N MET C 93 -23.08 8.24 -7.48
CA MET C 93 -23.58 8.88 -6.28
C MET C 93 -22.46 9.06 -5.25
N THR C 94 -21.52 8.12 -5.23
CA THR C 94 -20.38 8.21 -4.32
C THR C 94 -19.55 9.44 -4.66
N GLU C 95 -19.31 9.67 -5.95
CA GLU C 95 -18.59 10.84 -6.40
C GLU C 95 -19.36 12.12 -6.12
N PHE C 96 -20.65 12.12 -6.46
CA PHE C 96 -21.49 13.27 -6.20
C PHE C 96 -21.31 13.74 -4.77
N LEU C 97 -21.44 12.80 -3.83
CA LEU C 97 -21.43 13.14 -2.42
C LEU C 97 -20.03 13.40 -1.90
N ASN C 98 -19.03 12.90 -2.62
CA ASN C 98 -17.64 13.18 -2.28
C ASN C 98 -17.26 14.60 -2.71
N LYS C 99 -17.74 15.01 -3.88
CA LYS C 99 -17.30 16.26 -4.47
C LYS C 99 -18.15 17.45 -4.03
N LEU C 100 -19.47 17.28 -3.99
CA LEU C 100 -20.36 18.36 -3.59
C LEU C 100 -21.25 17.97 -2.41
N ASP C 101 -21.81 18.98 -1.75
CA ASP C 101 -22.79 18.76 -0.69
C ASP C 101 -24.20 18.90 -1.24
N PHE C 102 -25.13 18.16 -0.64
CA PHE C 102 -26.54 18.31 -0.96
C PHE C 102 -27.28 18.82 0.26
N TYR C 103 -27.85 20.02 0.16
CA TYR C 103 -28.75 20.51 1.19
C TYR C 103 -30.16 20.08 0.85
N VAL C 104 -30.76 19.29 1.73
CA VAL C 104 -32.13 18.84 1.52
C VAL C 104 -33.02 19.36 2.64
N LEU C 105 -34.02 20.13 2.25
CA LEU C 105 -34.98 20.69 3.20
C LEU C 105 -36.28 19.92 2.98
N PRO C 106 -36.53 18.91 3.82
CA PRO C 106 -37.59 17.94 3.57
C PRO C 106 -38.98 18.58 3.50
N VAL C 107 -39.24 19.50 4.44
CA VAL C 107 -40.52 20.21 4.48
C VAL C 107 -40.31 21.66 4.92
N LEU C 108 -40.56 22.59 4.00
CA LEU C 108 -40.49 24.01 4.33
C LEU C 108 -41.75 24.48 5.02
N ASN C 109 -42.89 24.19 4.43
CA ASN C 109 -44.18 24.67 4.95
C ASN C 109 -44.78 23.61 5.89
N ILE C 110 -44.14 23.45 7.04
CA ILE C 110 -44.51 22.43 8.00
C ILE C 110 -45.92 22.63 8.55
N ASP C 111 -46.28 23.87 8.85
CA ASP C 111 -47.58 24.14 9.47
C ASP C 111 -48.71 23.73 8.51
N GLY C 112 -48.53 24.03 7.23
CA GLY C 112 -49.55 23.70 6.26
C GLY C 112 -49.65 22.20 6.07
N TYR C 113 -48.49 21.54 6.09
CA TYR C 113 -48.45 20.09 5.93
C TYR C 113 -49.23 19.41 7.05
N ILE C 114 -48.96 19.80 8.28
CA ILE C 114 -49.72 19.30 9.41
C ILE C 114 -51.20 19.52 9.16
N TYR C 115 -51.55 20.71 8.68
CA TYR C 115 -52.95 21.03 8.45
C TYR C 115 -53.59 20.08 7.44
N THR C 116 -52.84 19.69 6.40
CA THR C 116 -53.38 18.76 5.41
C THR C 116 -53.60 17.37 6.01
N TRP C 117 -52.87 17.06 7.07
CA TRP C 117 -53.03 15.79 7.77
C TRP C 117 -54.18 15.80 8.78
N THR C 118 -54.43 16.98 9.36
CA THR C 118 -55.37 17.10 10.46
C THR C 118 -56.74 17.65 10.08
N LYS C 119 -56.77 18.56 9.11
CA LYS C 119 -58.01 19.29 8.82
C LYS C 119 -58.40 19.31 7.35
N ASN C 120 -57.49 19.74 6.49
CA ASN C 120 -57.85 20.01 5.10
C ASN C 120 -56.78 19.52 4.13
N ARG C 121 -57.04 18.37 3.51
CA ARG C 121 -56.08 17.69 2.64
C ARG C 121 -55.63 18.54 1.46
N MET C 122 -56.40 19.58 1.13
CA MET C 122 -56.12 20.38 -0.05
C MET C 122 -55.55 21.75 0.29
N TRP C 123 -55.14 21.94 1.55
CA TRP C 123 -54.55 23.20 1.94
C TRP C 123 -53.24 23.40 1.20
N ARG C 124 -52.93 24.67 0.91
CA ARG C 124 -51.76 25.03 0.10
C ARG C 124 -50.79 25.96 0.82
N LYS C 125 -51.33 27.03 1.40
CA LYS C 125 -50.51 28.14 1.90
C LYS C 125 -49.89 27.82 3.25
N THR C 126 -49.16 28.78 3.81
CA THR C 126 -48.76 28.72 5.21
C THR C 126 -50.03 28.80 6.06
N ARG C 127 -49.85 28.87 7.38
CA ARG C 127 -50.98 28.94 8.30
C ARG C 127 -50.91 30.19 9.18
N SER C 128 -50.21 31.21 8.70
CA SER C 128 -50.09 32.47 9.45
C SER C 128 -51.37 33.29 9.40
N THR C 129 -51.57 34.10 10.43
CA THR C 129 -52.73 34.97 10.48
C THR C 129 -52.49 36.24 9.68
N ASN C 130 -53.58 36.88 9.26
CA ASN C 130 -53.51 38.13 8.51
C ASN C 130 -54.33 39.22 9.20
N ALA C 131 -53.91 40.47 9.00
CA ALA C 131 -54.57 41.61 9.62
C ALA C 131 -55.92 41.89 8.99
N GLY C 132 -56.90 42.20 9.83
CA GLY C 132 -58.19 42.64 9.34
C GLY C 132 -59.05 41.56 8.70
N THR C 133 -58.67 40.30 8.87
CA THR C 133 -59.45 39.21 8.28
C THR C 133 -59.26 37.89 9.02
N THR C 134 -60.23 37.00 8.87
CA THR C 134 -60.16 35.66 9.43
C THR C 134 -59.42 34.72 8.48
N CYS C 135 -59.25 35.13 7.23
CA CYS C 135 -58.56 34.28 6.26
C CYS C 135 -57.11 34.03 6.65
N ILE C 136 -56.65 32.81 6.41
CA ILE C 136 -55.37 32.34 6.90
C ILE C 136 -54.39 32.05 5.76
N GLY C 137 -53.13 32.41 5.98
CA GLY C 137 -52.07 31.89 5.14
C GLY C 137 -51.64 32.73 3.95
N THR C 138 -50.37 32.58 3.61
CA THR C 138 -49.76 33.21 2.45
C THR C 138 -49.20 32.09 1.56
N ASP C 139 -49.25 32.31 0.25
CA ASP C 139 -48.64 31.36 -0.68
C ASP C 139 -47.14 31.56 -0.63
N PRO C 140 -46.40 30.58 -0.09
CA PRO C 140 -44.96 30.79 0.08
C PRO C 140 -44.24 30.99 -1.25
N ASN C 141 -44.77 30.40 -2.32
CA ASN C 141 -44.14 30.56 -3.63
C ASN C 141 -44.68 31.77 -4.39
N ARG C 142 -45.29 32.71 -3.64
CA ARG C 142 -45.55 34.04 -4.17
C ARG C 142 -44.93 35.07 -3.23
N ASN C 143 -44.07 34.61 -2.32
CA ASN C 143 -43.64 35.46 -1.22
C ASN C 143 -42.17 35.84 -1.30
N PHE C 144 -41.52 35.53 -2.42
CA PHE C 144 -40.12 35.88 -2.59
C PHE C 144 -39.92 37.16 -3.39
N ASP C 145 -38.75 37.75 -3.24
CA ASP C 145 -38.46 39.05 -3.83
C ASP C 145 -38.05 38.91 -5.30
N ALA C 146 -38.99 38.43 -6.12
CA ALA C 146 -38.76 38.28 -7.55
C ALA C 146 -39.94 38.85 -8.31
N GLY C 147 -39.82 40.09 -8.76
CA GLY C 147 -40.96 40.79 -9.30
C GLY C 147 -42.16 40.68 -8.39
N TRP C 148 -41.93 40.78 -7.08
CA TRP C 148 -42.91 40.40 -6.08
C TRP C 148 -44.33 40.94 -6.34
N CYS C 149 -45.29 40.02 -6.36
CA CYS C 149 -46.71 40.32 -6.51
C CYS C 149 -47.09 41.14 -7.75
N THR C 150 -46.30 41.05 -8.81
CA THR C 150 -46.62 41.81 -10.02
C THR C 150 -47.48 41.06 -11.03
N THR C 151 -47.51 39.73 -10.93
CA THR C 151 -48.38 38.93 -11.79
C THR C 151 -48.69 37.57 -11.16
N GLY C 152 -49.83 37.00 -11.52
CA GLY C 152 -50.15 35.65 -11.11
C GLY C 152 -50.21 35.45 -9.60
N ALA C 153 -50.44 36.52 -8.85
CA ALA C 153 -50.58 36.43 -7.40
C ALA C 153 -51.64 37.41 -6.91
N SER C 154 -52.35 37.02 -5.85
CA SER C 154 -53.44 37.85 -5.34
C SER C 154 -52.97 38.75 -4.20
N THR C 155 -53.63 39.89 -4.03
CA THR C 155 -53.39 40.76 -2.89
C THR C 155 -54.45 40.51 -1.82
N ASP C 156 -55.34 39.56 -2.08
CA ASP C 156 -56.41 39.23 -1.14
C ASP C 156 -56.00 38.01 -0.30
N PRO C 157 -55.87 38.21 1.02
CA PRO C 157 -55.42 37.13 1.91
C PRO C 157 -56.32 35.91 1.90
N CYS C 158 -57.52 36.06 1.34
CA CYS C 158 -58.44 34.95 1.27
C CYS C 158 -58.22 34.05 0.07
N ASP C 159 -57.27 34.43 -0.79
CA ASP C 159 -57.00 33.66 -2.00
C ASP C 159 -55.80 32.72 -1.84
N GLU C 160 -55.80 31.66 -2.64
CA GLU C 160 -54.78 30.62 -2.55
C GLU C 160 -53.39 31.07 -3.00
N THR C 161 -53.32 32.17 -3.74
CA THR C 161 -52.04 32.67 -4.21
C THR C 161 -51.72 34.02 -3.60
N TYR C 162 -52.28 34.29 -2.44
CA TYR C 162 -52.00 35.53 -1.72
C TYR C 162 -50.49 35.72 -1.60
N CYS C 163 -50.01 36.89 -1.99
CA CYS C 163 -48.58 37.11 -2.09
C CYS C 163 -47.96 37.56 -0.77
N GLY C 164 -48.82 37.84 0.21
CA GLY C 164 -48.34 38.25 1.52
C GLY C 164 -48.31 39.76 1.67
N SER C 165 -48.06 40.24 2.87
CA SER C 165 -48.00 41.67 3.13
C SER C 165 -46.76 42.30 2.51
N ALA C 166 -45.68 41.51 2.42
CA ALA C 166 -44.45 41.95 1.77
C ALA C 166 -43.63 40.71 1.42
N ALA C 167 -42.65 40.89 0.55
CA ALA C 167 -41.75 39.78 0.23
C ALA C 167 -41.07 39.31 1.50
N GLU C 168 -41.05 37.99 1.70
CA GLU C 168 -40.45 37.38 2.88
C GLU C 168 -41.18 37.74 4.18
N SER C 169 -42.46 38.12 4.05
CA SER C 169 -43.29 38.38 5.23
C SER C 169 -43.41 37.14 6.10
N GLU C 170 -43.32 35.97 5.48
CA GLU C 170 -43.47 34.71 6.21
C GLU C 170 -42.15 34.24 6.79
N LYS C 171 -42.19 33.73 8.02
CA LYS C 171 -40.99 33.25 8.69
C LYS C 171 -40.30 32.15 7.88
N GLU C 172 -41.09 31.27 7.27
CA GLU C 172 -40.51 30.16 6.52
C GLU C 172 -39.74 30.63 5.30
N THR C 173 -40.29 31.59 4.57
CA THR C 173 -39.63 32.06 3.36
C THR C 173 -38.44 32.96 3.71
N LYS C 174 -38.56 33.73 4.78
CA LYS C 174 -37.46 34.55 5.25
C LYS C 174 -36.29 33.66 5.67
N ALA C 175 -36.60 32.54 6.33
CA ALA C 175 -35.57 31.62 6.78
C ALA C 175 -34.87 30.98 5.60
N LEU C 176 -35.64 30.57 4.59
CA LEU C 176 -35.06 29.93 3.43
C LEU C 176 -34.21 30.94 2.67
N ALA C 177 -34.74 32.12 2.45
CA ALA C 177 -34.01 33.16 1.73
C ALA C 177 -32.74 33.56 2.49
N ASP C 178 -32.85 33.63 3.82
CA ASP C 178 -31.69 33.94 4.66
C ASP C 178 -30.59 32.91 4.50
N PHE C 179 -30.95 31.63 4.56
CA PHE C 179 -29.94 30.59 4.45
C PHE C 179 -29.25 30.64 3.10
N ILE C 180 -30.02 30.78 2.04
CA ILE C 180 -29.44 30.79 0.71
C ILE C 180 -28.53 32.00 0.50
N ARG C 181 -28.96 33.16 0.99
CA ARG C 181 -28.12 34.35 0.95
C ARG C 181 -26.82 34.13 1.74
N ASN C 182 -26.94 33.46 2.89
CA ASN C 182 -25.78 33.22 3.75
C ASN C 182 -24.78 32.26 3.11
N ASN C 183 -25.24 31.48 2.14
CA ASN C 183 -24.41 30.43 1.55
C ASN C 183 -24.32 30.49 0.03
N LEU C 184 -24.48 31.69 -0.52
CA LEU C 184 -24.46 31.87 -1.97
C LEU C 184 -23.15 31.43 -2.62
N SER C 185 -22.06 31.50 -1.86
CA SER C 185 -20.75 31.21 -2.42
C SER C 185 -20.58 29.75 -2.80
N SER C 186 -21.35 28.86 -2.16
CA SER C 186 -21.22 27.43 -2.41
C SER C 186 -22.35 26.87 -3.26
N ILE C 187 -23.56 27.39 -3.06
CA ILE C 187 -24.73 26.85 -3.74
C ILE C 187 -24.66 27.13 -5.24
N LYS C 188 -24.66 26.07 -6.03
CA LYS C 188 -24.48 26.19 -7.47
C LYS C 188 -25.75 25.85 -8.23
N ALA C 189 -26.63 25.08 -7.59
CA ALA C 189 -27.94 24.79 -8.18
C ALA C 189 -29.02 24.90 -7.12
N TYR C 190 -30.22 25.30 -7.54
CA TYR C 190 -31.38 25.34 -6.67
C TYR C 190 -32.50 24.53 -7.30
N LEU C 191 -32.97 23.51 -6.58
CA LEU C 191 -34.02 22.65 -7.07
C LEU C 191 -35.19 22.67 -6.08
N THR C 192 -36.38 23.01 -6.56
CA THR C 192 -37.53 23.11 -5.68
C THR C 192 -38.65 22.20 -6.17
N ILE C 193 -39.09 21.30 -5.30
CA ILE C 193 -39.92 20.15 -5.70
C ILE C 193 -41.39 20.39 -5.39
N HIS C 194 -42.23 20.25 -6.42
CA HIS C 194 -43.67 20.49 -6.32
C HIS C 194 -44.41 19.34 -7.02
N SER C 195 -45.75 19.41 -7.00
CA SER C 195 -46.58 18.60 -7.90
C SER C 195 -47.90 19.33 -8.10
N TYR C 196 -48.67 18.97 -9.13
CA TYR C 196 -48.34 17.92 -10.09
C TYR C 196 -48.24 18.57 -11.48
N SER C 197 -47.86 17.77 -12.49
CA SER C 197 -47.89 18.18 -13.90
C SER C 197 -46.81 17.50 -14.74
N GLN C 198 -45.86 16.87 -14.08
CA GLN C 198 -44.78 16.17 -14.78
C GLN C 198 -44.03 17.15 -15.69
N MET C 199 -43.43 18.16 -15.09
CA MET C 199 -42.68 19.17 -15.81
C MET C 199 -41.38 19.50 -15.11
N ILE C 200 -40.42 20.01 -15.88
CA ILE C 200 -39.29 20.73 -15.31
C ILE C 200 -39.29 22.15 -15.85
N LEU C 201 -39.49 23.12 -14.96
CA LEU C 201 -39.52 24.52 -15.35
C LEU C 201 -38.23 25.21 -14.94
N TYR C 202 -37.80 26.17 -15.75
CA TYR C 202 -36.72 27.08 -15.36
C TYR C 202 -37.22 28.52 -15.52
N PRO C 203 -36.47 29.50 -14.98
CA PRO C 203 -36.91 30.90 -15.06
C PRO C 203 -37.16 31.39 -16.50
N TYR C 204 -37.94 32.46 -16.65
CA TYR C 204 -38.60 33.11 -15.52
C TYR C 204 -40.08 32.81 -15.51
N SER C 205 -40.71 32.98 -14.35
CA SER C 205 -42.16 32.94 -14.26
C SER C 205 -42.77 34.31 -14.02
N TYR C 206 -42.03 35.21 -13.39
CA TYR C 206 -42.60 36.50 -13.03
C TYR C 206 -42.60 37.48 -14.21
N ASP C 207 -41.88 37.12 -15.26
CA ASP C 207 -41.85 37.93 -16.48
C ASP C 207 -41.64 37.01 -17.67
N TYR C 208 -42.00 37.46 -18.87
CA TYR C 208 -41.82 36.66 -20.07
C TYR C 208 -40.38 36.68 -20.59
N LYS C 209 -39.53 37.51 -19.99
CA LYS C 209 -38.13 37.54 -20.37
C LYS C 209 -37.47 36.20 -20.07
N LEU C 210 -36.39 35.90 -20.79
CA LEU C 210 -35.66 34.65 -20.59
C LEU C 210 -34.34 34.91 -19.89
N PRO C 211 -33.89 33.94 -19.08
CA PRO C 211 -32.58 34.02 -18.42
C PRO C 211 -31.44 33.97 -19.43
N GLU C 212 -30.32 34.58 -19.06
CA GLU C 212 -29.16 34.66 -19.94
C GLU C 212 -28.78 33.30 -20.53
N ASN C 213 -28.90 32.24 -19.73
CA ASN C 213 -28.48 30.91 -20.15
C ASN C 213 -29.67 30.00 -20.46
N ASN C 214 -30.72 30.56 -21.03
CA ASN C 214 -31.93 29.80 -21.32
C ASN C 214 -31.65 28.60 -22.23
N ALA C 215 -30.76 28.79 -23.21
CA ALA C 215 -30.42 27.73 -24.15
C ALA C 215 -29.81 26.54 -23.40
N GLU C 216 -28.90 26.84 -22.48
CA GLU C 216 -28.26 25.82 -21.65
C GLU C 216 -29.27 25.13 -20.74
N LEU C 217 -30.13 25.93 -20.12
CA LEU C 217 -31.15 25.41 -19.22
C LEU C 217 -32.15 24.53 -19.97
N ASN C 218 -32.51 24.94 -21.18
CA ASN C 218 -33.49 24.22 -21.98
C ASN C 218 -32.99 22.84 -22.39
N ASN C 219 -31.72 22.79 -22.80
CA ASN C 219 -31.12 21.53 -23.22
C ASN C 219 -30.81 20.65 -22.00
N LEU C 220 -30.53 21.28 -20.87
CA LEU C 220 -30.33 20.55 -19.62
C LEU C 220 -31.65 19.92 -19.20
N ALA C 221 -32.73 20.69 -19.29
CA ALA C 221 -34.06 20.19 -18.95
C ALA C 221 -34.46 19.08 -19.91
N LYS C 222 -34.17 19.28 -21.19
CA LYS C 222 -34.48 18.29 -22.21
C LYS C 222 -33.80 16.96 -21.89
N ALA C 223 -32.54 17.04 -21.48
CA ALA C 223 -31.75 15.85 -21.19
C ALA C 223 -32.24 15.17 -19.92
N ALA C 224 -32.66 15.97 -18.95
CA ALA C 224 -33.12 15.44 -17.68
C ALA C 224 -34.42 14.68 -17.84
N VAL C 225 -35.37 15.26 -18.55
CA VAL C 225 -36.66 14.61 -18.77
C VAL C 225 -36.46 13.32 -19.58
N LYS C 226 -35.47 13.33 -20.47
CA LYS C 226 -35.16 12.12 -21.24
C LYS C 226 -34.69 11.01 -20.31
N GLU C 227 -33.79 11.37 -19.39
CA GLU C 227 -33.28 10.41 -18.40
C GLU C 227 -34.40 9.84 -17.53
N LEU C 228 -35.30 10.72 -17.08
CA LEU C 228 -36.41 10.31 -16.23
C LEU C 228 -37.35 9.36 -16.98
N ALA C 229 -37.51 9.58 -18.27
CA ALA C 229 -38.45 8.79 -19.07
C ALA C 229 -37.90 7.38 -19.31
N THR C 230 -36.58 7.23 -19.22
CA THR C 230 -35.96 5.94 -19.49
C THR C 230 -36.51 4.85 -18.58
N LEU C 231 -36.62 5.15 -17.29
CA LEU C 231 -36.96 4.14 -16.30
C LEU C 231 -38.33 3.53 -16.55
N TYR C 232 -39.35 4.37 -16.65
CA TYR C 232 -40.73 3.89 -16.76
C TYR C 232 -41.48 4.48 -17.95
N GLY C 233 -40.82 5.36 -18.69
CA GLY C 233 -41.46 5.95 -19.86
C GLY C 233 -42.39 7.08 -19.52
N THR C 234 -42.28 7.61 -18.30
CA THR C 234 -43.14 8.70 -17.88
C THR C 234 -42.78 9.98 -18.63
N LYS C 235 -43.81 10.63 -19.17
CA LYS C 235 -43.61 11.78 -20.06
C LYS C 235 -43.58 13.09 -19.30
N TYR C 236 -42.44 13.77 -19.34
CA TYR C 236 -42.32 15.12 -18.78
C TYR C 236 -42.19 16.14 -19.90
N THR C 237 -42.78 17.32 -19.69
CA THR C 237 -42.52 18.48 -20.53
C THR C 237 -41.62 19.45 -19.78
N TYR C 238 -41.07 20.43 -20.49
CA TYR C 238 -40.15 21.39 -19.88
C TYR C 238 -40.16 22.73 -20.62
N GLY C 239 -39.68 23.76 -19.94
CA GLY C 239 -39.63 25.08 -20.55
C GLY C 239 -39.61 26.18 -19.51
N PRO C 240 -39.52 27.46 -19.94
CA PRO C 240 -39.60 28.58 -19.00
C PRO C 240 -40.97 28.67 -18.34
N GLY C 241 -40.97 29.05 -17.07
CA GLY C 241 -42.21 29.00 -16.29
C GLY C 241 -43.35 29.79 -16.90
N ALA C 242 -43.09 31.03 -17.28
CA ALA C 242 -44.16 31.93 -17.67
C ALA C 242 -45.00 31.38 -18.83
N THR C 243 -44.33 30.81 -19.82
CA THR C 243 -45.01 30.33 -21.03
C THR C 243 -45.38 28.85 -20.97
N THR C 244 -44.74 28.10 -20.08
CA THR C 244 -44.94 26.66 -20.05
C THR C 244 -46.11 26.25 -19.16
N ILE C 245 -46.27 26.93 -18.03
CA ILE C 245 -47.40 26.65 -17.17
C ILE C 245 -48.24 27.90 -16.93
N TYR C 246 -47.64 28.94 -16.35
CA TYR C 246 -48.28 30.24 -16.26
C TYR C 246 -47.36 31.32 -15.68
N PRO C 247 -47.62 32.58 -16.01
CA PRO C 247 -46.95 33.70 -15.36
C PRO C 247 -47.32 33.76 -13.88
N ALA C 248 -46.33 33.94 -13.02
CA ALA C 248 -46.57 34.05 -11.58
C ALA C 248 -45.32 34.62 -10.93
N ALA C 249 -45.50 35.67 -10.13
CA ALA C 249 -44.37 36.36 -9.53
C ALA C 249 -44.03 35.83 -8.14
N GLY C 250 -42.84 36.19 -7.65
CA GLY C 250 -42.50 35.90 -6.28
C GLY C 250 -42.08 34.47 -5.97
N GLY C 251 -41.80 33.69 -7.02
CA GLY C 251 -41.38 32.31 -6.82
C GLY C 251 -39.90 32.16 -6.49
N SER C 252 -39.58 31.12 -5.72
CA SER C 252 -38.22 30.96 -5.20
C SER C 252 -37.22 30.58 -6.29
N ASP C 253 -37.71 29.95 -7.35
CA ASP C 253 -36.81 29.54 -8.42
C ASP C 253 -36.28 30.75 -9.20
N ASP C 254 -37.14 31.73 -9.44
CA ASP C 254 -36.71 32.97 -10.08
C ASP C 254 -35.80 33.76 -9.13
N TRP C 255 -36.15 33.77 -7.85
CA TRP C 255 -35.38 34.55 -6.89
C TRP C 255 -33.98 33.97 -6.73
N ALA C 256 -33.90 32.65 -6.65
CA ALA C 256 -32.61 31.99 -6.50
C ALA C 256 -31.74 32.29 -7.72
N TYR C 257 -32.34 32.24 -8.89
CA TYR C 257 -31.59 32.50 -10.11
C TYR C 257 -31.02 33.91 -10.12
N ASP C 258 -31.84 34.88 -9.72
CA ASP C 258 -31.41 36.28 -9.71
C ASP C 258 -30.46 36.58 -8.56
N GLN C 259 -30.30 35.62 -7.66
CA GLN C 259 -29.23 35.70 -6.65
C GLN C 259 -27.90 35.27 -7.27
N GLY C 260 -27.98 34.70 -8.47
CA GLY C 260 -26.78 34.29 -9.16
C GLY C 260 -26.63 32.78 -9.31
N ILE C 261 -27.60 32.03 -8.78
CA ILE C 261 -27.58 30.57 -8.93
C ILE C 261 -28.11 30.19 -10.31
N LYS C 262 -27.19 29.81 -11.19
CA LYS C 262 -27.48 29.72 -12.61
C LYS C 262 -28.30 28.50 -13.01
N TYR C 263 -28.36 27.52 -12.12
CA TYR C 263 -29.15 26.32 -12.36
C TYR C 263 -30.29 26.26 -11.36
N SER C 264 -31.47 26.69 -11.81
CA SER C 264 -32.63 26.79 -10.94
C SER C 264 -33.82 26.16 -11.63
N PHE C 265 -34.41 25.16 -10.96
CA PHE C 265 -35.51 24.41 -11.56
C PHE C 265 -36.64 24.18 -10.57
N THR C 266 -37.87 24.29 -11.06
CA THR C 266 -39.02 23.78 -10.33
C THR C 266 -39.42 22.46 -10.98
N PHE C 267 -39.43 21.40 -10.17
CA PHE C 267 -39.91 20.10 -10.62
C PHE C 267 -41.38 19.96 -10.25
N GLU C 268 -42.19 19.52 -11.21
CA GLU C 268 -43.56 19.13 -10.96
C GLU C 268 -43.70 17.63 -11.20
N LEU C 269 -43.86 16.86 -10.12
CA LEU C 269 -43.86 15.41 -10.24
C LEU C 269 -45.22 14.90 -10.70
N ARG C 270 -45.42 13.58 -10.65
CA ARG C 270 -46.68 12.98 -11.07
C ARG C 270 -47.88 13.53 -10.29
N ASP C 271 -49.06 13.48 -10.90
CA ASP C 271 -49.22 13.02 -12.26
C ASP C 271 -49.60 14.19 -13.17
N LYS C 272 -50.52 13.96 -14.09
CA LYS C 272 -50.99 15.05 -14.95
C LYS C 272 -52.46 15.33 -14.71
N GLY C 273 -52.97 14.91 -13.56
CA GLY C 273 -54.32 15.27 -13.19
C GLY C 273 -55.24 14.11 -12.82
N ARG C 274 -54.85 12.89 -13.17
CA ARG C 274 -55.64 11.71 -12.80
C ARG C 274 -56.05 11.79 -11.33
N TYR C 275 -55.06 11.74 -10.45
CA TYR C 275 -55.30 11.87 -9.02
C TYR C 275 -54.79 13.22 -8.52
N GLY C 276 -53.99 13.88 -9.33
CA GLY C 276 -53.55 15.23 -8.99
C GLY C 276 -52.68 15.26 -7.75
N PHE C 277 -53.11 16.01 -6.74
CA PHE C 277 -52.36 16.12 -5.51
C PHE C 277 -52.44 14.86 -4.66
N ILE C 278 -53.51 14.08 -4.86
CA ILE C 278 -53.73 12.89 -4.06
C ILE C 278 -53.17 11.66 -4.79
N LEU C 279 -51.85 11.68 -5.03
CA LEU C 279 -51.21 10.57 -5.73
C LEU C 279 -51.21 9.34 -4.84
N PRO C 280 -51.61 8.19 -5.39
CA PRO C 280 -51.70 6.96 -4.57
C PRO C 280 -50.37 6.60 -3.93
N GLU C 281 -50.43 6.16 -2.67
CA GLU C 281 -49.22 5.76 -1.96
C GLU C 281 -48.45 4.70 -2.75
N SER C 282 -49.18 3.82 -3.42
CA SER C 282 -48.57 2.76 -4.17
C SER C 282 -47.60 3.29 -5.22
N GLN C 283 -47.81 4.54 -5.66
CA GLN C 283 -47.01 5.10 -6.74
C GLN C 283 -45.75 5.81 -6.26
N ILE C 284 -45.59 5.91 -4.94
CA ILE C 284 -44.50 6.70 -4.38
C ILE C 284 -43.12 6.30 -4.89
N GLN C 285 -42.79 5.01 -4.79
CA GLN C 285 -41.44 4.59 -5.12
C GLN C 285 -41.12 4.73 -6.60
N ALA C 286 -42.06 4.35 -7.46
CA ALA C 286 -41.85 4.52 -8.90
C ALA C 286 -41.63 5.99 -9.25
N THR C 287 -42.49 6.85 -8.71
CA THR C 287 -42.38 8.28 -8.95
C THR C 287 -41.02 8.79 -8.50
N CYS C 288 -40.59 8.37 -7.32
CA CYS C 288 -39.34 8.86 -6.75
C CYS C 288 -38.12 8.28 -7.45
N GLU C 289 -38.25 7.04 -7.94
CA GLU C 289 -37.15 6.41 -8.64
C GLU C 289 -36.86 7.09 -9.97
N GLU C 290 -37.90 7.35 -10.76
CA GLU C 290 -37.68 7.99 -12.05
C GLU C 290 -37.23 9.44 -11.85
N THR C 291 -37.72 10.07 -10.79
CA THR C 291 -37.32 11.44 -10.45
C THR C 291 -35.84 11.51 -10.05
N MET C 292 -35.36 10.51 -9.31
CA MET C 292 -33.96 10.44 -8.93
C MET C 292 -33.01 10.52 -10.11
N LEU C 293 -33.41 9.93 -11.23
CA LEU C 293 -32.55 9.87 -12.41
C LEU C 293 -32.36 11.26 -13.00
N ALA C 294 -33.42 12.07 -12.96
CA ALA C 294 -33.34 13.44 -13.47
C ALA C 294 -32.52 14.32 -12.53
N ILE C 295 -32.65 14.09 -11.24
CA ILE C 295 -31.90 14.86 -10.24
C ILE C 295 -30.41 14.53 -10.32
N LYS C 296 -30.07 13.24 -10.43
CA LYS C 296 -28.69 12.84 -10.55
C LYS C 296 -28.08 13.34 -11.86
N TYR C 297 -28.89 13.38 -12.91
CA TYR C 297 -28.40 13.91 -14.19
C TYR C 297 -28.02 15.39 -14.04
N VAL C 298 -28.92 16.18 -13.47
CA VAL C 298 -28.62 17.58 -13.19
C VAL C 298 -27.41 17.71 -12.27
N THR C 299 -27.31 16.83 -11.30
CA THR C 299 -26.22 16.90 -10.34
C THR C 299 -24.89 16.64 -11.04
N ASN C 300 -24.88 15.67 -11.95
CA ASN C 300 -23.68 15.33 -12.69
C ASN C 300 -23.29 16.46 -13.64
N TYR C 301 -24.29 17.12 -14.21
CA TYR C 301 -24.03 18.24 -15.11
C TYR C 301 -23.48 19.43 -14.32
N VAL C 302 -24.03 19.65 -13.13
CA VAL C 302 -23.55 20.71 -12.26
C VAL C 302 -22.07 20.50 -11.94
N LEU C 303 -21.67 19.25 -11.79
CA LEU C 303 -20.27 18.92 -11.50
C LEU C 303 -19.34 19.35 -12.62
N GLY C 304 -19.79 19.18 -13.87
CA GLY C 304 -18.96 19.53 -15.00
C GLY C 304 -18.89 21.03 -15.24
N HIS C 305 -19.63 21.79 -14.44
CA HIS C 305 -19.66 23.23 -14.59
C HIS C 305 -19.61 23.92 -13.22
N LEU C 306 -18.82 23.36 -12.32
CA LEU C 306 -18.74 23.86 -10.94
C LEU C 306 -18.09 25.23 -10.86
ZN ZN D . 26.42 -23.12 4.81
C37 922 E . 24.94 -17.83 -3.69
C38 922 E . 25.76 -17.11 -4.61
C39 922 E . 27.13 -17.43 -4.73
C40 922 E . 27.69 -18.46 -3.95
C41 922 E . 26.88 -19.18 -3.04
C36 922 E . 25.49 -18.86 -2.91
C33 922 E . 24.68 -19.62 -2.04
O32 922 E . 25.07 -20.99 -1.79
C30 922 E . 24.74 -21.56 -0.58
O31 922 E . 23.91 -21.02 0.19
N29 922 E . 25.26 -22.76 -0.37
C25 922 E . 25.05 -23.53 0.87
C26 922 E . 24.65 -24.98 0.52
C28 922 E . 23.24 -25.00 -0.08
C27 922 E . 25.64 -25.65 -0.43
P24 922 E . 26.53 -23.38 1.95
O34 922 E . 26.37 -24.28 3.10
O35 922 E . 26.68 -21.93 2.21
O23 922 E . 27.78 -23.87 1.08
C1 922 E . 29.09 -23.62 1.62
C2 922 E . 29.53 -22.18 1.31
O14 922 E . 30.12 -21.57 2.23
O13 922 E . 29.23 -21.72 0.18
C3 922 E . 30.13 -24.66 1.13
C8 922 E . 31.49 -24.40 1.36
C4 922 E . 29.75 -25.86 0.49
C5 922 E . 30.73 -26.80 0.10
C6 922 E . 32.11 -26.54 0.34
C7 922 E . 32.49 -25.32 0.98
N9 922 E . 33.80 -25.06 1.24
C10 922 E . 34.40 -23.88 0.91
N12 922 E . 33.86 -23.05 -0.01
N11 922 E . 35.57 -23.56 1.47
ZN ZN F . -0.11 2.50 -5.26
C37 922 G . -7.65 3.44 -0.48
C38 922 G . -8.42 4.00 0.57
C39 922 G . -9.56 3.31 1.06
C40 922 G . -9.94 2.08 0.48
C41 922 G . -9.18 1.52 -0.58
C36 922 G . -8.03 2.20 -1.07
C33 922 G . -7.32 1.68 -2.15
O32 922 G . -6.86 2.60 -3.17
C30 922 G . -5.82 2.17 -3.97
O31 922 G . -5.41 0.99 -3.91
N29 922 G . -5.35 3.05 -4.85
C25 922 G . -4.25 2.76 -5.77
C26 922 G . -4.65 3.03 -7.23
C28 922 G . -5.66 1.98 -7.70
C27 922 G . -5.21 4.45 -7.42
P24 922 G . -2.74 3.64 -5.21
O34 922 G . -1.66 3.39 -6.18
O35 922 G . -2.55 3.20 -3.80
O23 922 G . -3.11 5.21 -5.19
C1 922 G . -2.18 6.10 -4.53
C2 922 G . -2.42 6.09 -3.00
O14 922 G . -1.42 6.18 -2.28
O13 922 G . -3.61 5.99 -2.61
C3 922 G . -2.25 7.54 -5.08
C8 922 G . -1.55 8.57 -4.40
C4 922 G . -2.94 7.85 -6.29
C5 922 G . -2.89 9.19 -6.79
C6 922 G . -2.20 10.21 -6.09
C7 922 G . -1.52 9.89 -4.88
N9 922 G . -0.87 10.85 -4.18
C10 922 G . -1.08 11.07 -2.85
N12 922 G . -2.15 10.58 -2.22
N11 922 G . -0.20 11.81 -2.17
ZN ZN H . -46.55 23.68 -5.55
C37 922 I . -52.71 28.86 -9.19
C38 922 I . -53.15 30.16 -9.52
C39 922 I . -54.50 30.54 -9.28
C40 922 I . -55.41 29.60 -8.71
C41 922 I . -54.97 28.29 -8.39
C36 922 I . -53.63 27.91 -8.62
C33 922 I . -53.20 26.61 -8.35
O32 922 I . -52.08 26.09 -9.10
C30 922 I . -51.35 25.08 -8.50
O31 922 I . -51.74 24.53 -7.46
N29 922 I . -50.26 24.71 -9.18
C25 922 I . -49.34 23.67 -8.72
C26 922 I . -49.07 22.65 -9.84
C28 922 I . -50.32 21.81 -10.09
C27 922 I . -48.59 23.33 -11.13
P24 922 I . -47.81 24.44 -8.02
O34 922 I . -46.84 23.36 -7.70
O35 922 I . -48.27 25.31 -6.91
O23 922 I . -47.19 25.36 -9.17
C1 922 I . -46.13 26.24 -8.79
C2 922 I . -46.71 27.56 -8.22
O14 922 I . -46.09 28.06 -7.26
O13 922 I . -47.76 27.99 -8.73
C3 922 I . -45.15 26.53 -9.96
C8 922 I . -44.18 27.54 -9.81
C4 922 I . -45.14 25.73 -11.15
C5 922 I . -44.18 25.98 -12.15
C6 922 I . -43.21 27.01 -12.00
C7 922 I . -43.21 27.80 -10.81
N9 922 I . -42.32 28.81 -10.65
C10 922 I . -42.69 30.08 -10.32
N12 922 I . -43.94 30.52 -10.52
N11 922 I . -41.79 30.92 -9.80
#